data_1T5F
#
_entry.id   1T5F
#
_cell.length_a   87.900
_cell.length_b   87.900
_cell.length_c   105.200
_cell.angle_alpha   90.00
_cell.angle_beta   90.00
_cell.angle_gamma   120.00
#
_symmetry.space_group_name_H-M   'P 32'
#
loop_
_entity.id
_entity.type
_entity.pdbx_description
1 polymer 'Arginase 1'
2 non-polymer 'MANGANESE (II) ION'
3 non-polymer '(S)-2-AMINO-7,7-DIHYDROXYHEPTANOIC ACID'
4 water water
#
_entity_poly.entity_id   1
_entity_poly.type   'polypeptide(L)'
_entity_poly.pdbx_seq_one_letter_code
;KPIEIIGAPFSKGCPRGGVEKGPAALRKAGLVEKLKETEYNVRDHGDLAFVDVPNDSPFQIVKNPRSVGKANEQLAAVVA
ETQKNGTISVVLGGDHSMAIGSISGHARVHPDLAVIWVDAHTDINTPLTTSSGNLAGQPVAFLLKELKGKFPDVPGFSWV
TPAISAKDIVYIGLRDVDPGEHYIIKTLGIKYFSMTEVDKLGIGKVMEETFSYLLGRKKRPIHLSFDVDGLDPVFTPATG
TPVVGGLSYREGLYITEEIYKTGLLSGLDIMEVNPTLGKTPEEVTRTVNTAVALTLSAFGTKREGNHKPETDYL
;
_entity_poly.pdbx_strand_id   A,B,C
#
# COMPACT_ATOMS: atom_id res chain seq x y z
N LYS A 1 11.22 -0.50 -33.56
CA LYS A 1 12.07 0.63 -33.06
C LYS A 1 13.35 0.12 -32.41
N PRO A 2 14.39 0.97 -32.38
CA PRO A 2 15.66 0.58 -31.77
C PRO A 2 15.91 1.22 -30.40
N ILE A 3 16.56 0.46 -29.54
CA ILE A 3 16.92 0.91 -28.20
C ILE A 3 18.44 0.91 -28.07
N GLU A 4 18.99 1.94 -27.47
CA GLU A 4 20.42 1.97 -27.25
C GLU A 4 20.71 2.21 -25.77
N ILE A 5 21.31 1.23 -25.11
CA ILE A 5 21.67 1.37 -23.69
C ILE A 5 23.00 2.09 -23.60
N ILE A 6 23.04 3.07 -22.72
CA ILE A 6 24.24 3.87 -22.51
C ILE A 6 24.49 3.91 -21.00
N GLY A 7 25.60 3.35 -20.57
CA GLY A 7 25.91 3.36 -19.16
C GLY A 7 26.64 4.63 -18.75
N ALA A 8 26.25 5.21 -17.62
CA ALA A 8 26.88 6.42 -17.12
C ALA A 8 27.29 6.15 -15.68
N PRO A 9 28.38 5.38 -15.51
CA PRO A 9 28.91 5.04 -14.19
C PRO A 9 29.61 6.25 -13.58
N PHE A 10 28.83 7.22 -13.13
CA PHE A 10 29.36 8.46 -12.56
C PHE A 10 28.78 8.73 -11.17
N SER A 11 29.62 9.21 -10.25
CA SER A 11 29.14 9.49 -8.89
C SER A 11 29.55 10.83 -8.28
N LYS A 12 30.32 11.66 -8.99
CA LYS A 12 30.76 12.94 -8.42
C LYS A 12 29.64 13.94 -8.15
N GLY A 13 28.44 13.61 -8.58
CA GLY A 13 27.31 14.50 -8.35
C GLY A 13 26.82 14.48 -6.90
N CYS A 14 27.36 13.56 -6.12
CA CYS A 14 26.99 13.43 -4.71
C CYS A 14 28.15 12.81 -3.91
N PRO A 15 28.11 12.93 -2.58
CA PRO A 15 29.14 12.40 -1.68
C PRO A 15 29.27 10.88 -1.46
N ARG A 16 28.22 10.12 -1.73
CA ARG A 16 28.27 8.67 -1.52
C ARG A 16 28.76 7.86 -2.71
N GLY A 17 29.96 7.32 -2.60
CA GLY A 17 30.48 6.52 -3.68
C GLY A 17 29.63 5.28 -3.83
N GLY A 18 29.61 4.69 -5.02
CA GLY A 18 28.81 3.50 -5.20
C GLY A 18 27.85 3.53 -6.37
N VAL A 19 27.24 4.68 -6.66
CA VAL A 19 26.33 4.76 -7.78
C VAL A 19 26.98 4.48 -9.11
N GLU A 20 28.30 4.57 -9.19
CA GLU A 20 28.99 4.30 -10.44
C GLU A 20 28.83 2.81 -10.77
N LYS A 21 28.63 2.00 -9.74
CA LYS A 21 28.47 0.55 -9.91
C LYS A 21 27.05 0.20 -10.37
N GLY A 22 26.20 1.24 -10.43
CA GLY A 22 24.82 1.06 -10.87
C GLY A 22 24.64 0.31 -12.18
N PRO A 23 25.28 0.77 -13.27
CA PRO A 23 25.15 0.11 -14.59
C PRO A 23 25.54 -1.37 -14.55
N ALA A 24 26.64 -1.66 -13.88
CA ALA A 24 27.11 -3.05 -13.78
C ALA A 24 26.07 -3.96 -13.08
N ALA A 25 25.53 -3.46 -11.98
CA ALA A 25 24.53 -4.23 -11.24
C ALA A 25 23.29 -4.52 -12.09
N LEU A 26 22.88 -3.52 -12.88
CA LEU A 26 21.73 -3.69 -13.74
C LEU A 26 22.01 -4.68 -14.89
N ARG A 27 23.20 -4.60 -15.48
CA ARG A 27 23.56 -5.51 -16.56
C ARG A 27 23.71 -6.93 -16.00
N LYS A 28 24.29 -7.02 -14.82
CA LYS A 28 24.51 -8.28 -14.12
C LYS A 28 23.19 -9.01 -13.92
N ALA A 29 22.13 -8.23 -13.70
CA ALA A 29 20.82 -8.82 -13.48
C ALA A 29 20.12 -9.25 -14.79
N GLY A 30 20.83 -9.08 -15.91
CA GLY A 30 20.25 -9.48 -17.19
C GLY A 30 19.41 -8.45 -17.94
N LEU A 31 19.50 -7.18 -17.54
CA LEU A 31 18.72 -6.13 -18.17
C LEU A 31 18.74 -6.15 -19.69
N VAL A 32 19.93 -6.16 -20.27
CA VAL A 32 20.08 -6.16 -21.73
C VAL A 32 19.46 -7.38 -22.41
N GLU A 33 19.73 -8.56 -21.87
CA GLU A 33 19.17 -9.80 -22.42
C GLU A 33 17.64 -9.80 -22.33
N LYS A 34 17.09 -9.42 -21.18
CA LYS A 34 15.64 -9.38 -21.00
C LYS A 34 14.97 -8.40 -21.97
N LEU A 35 15.65 -7.31 -22.29
CA LEU A 35 15.12 -6.34 -23.24
C LEU A 35 15.05 -6.89 -24.67
N LYS A 36 15.98 -7.78 -25.02
CA LYS A 36 15.98 -8.37 -26.35
C LYS A 36 14.79 -9.29 -26.58
N GLU A 37 14.16 -9.73 -25.50
CA GLU A 37 13.00 -10.61 -25.59
C GLU A 37 11.75 -9.79 -25.91
N THR A 38 11.87 -8.46 -25.88
CA THR A 38 10.72 -7.62 -26.20
C THR A 38 10.71 -7.38 -27.71
N GLU A 39 9.70 -6.66 -28.19
CA GLU A 39 9.56 -6.38 -29.62
C GLU A 39 10.55 -5.35 -30.15
N TYR A 40 11.47 -4.90 -29.30
CA TYR A 40 12.45 -3.90 -29.70
C TYR A 40 13.82 -4.47 -30.08
N ASN A 41 14.55 -3.70 -30.87
CA ASN A 41 15.90 -4.05 -31.28
C ASN A 41 16.79 -3.36 -30.26
N VAL A 42 17.66 -4.13 -29.63
CA VAL A 42 18.52 -3.57 -28.61
C VAL A 42 20.00 -3.56 -28.95
N ARG A 43 20.64 -2.42 -28.71
CA ARG A 43 22.07 -2.28 -28.94
C ARG A 43 22.66 -1.67 -27.69
N ASP A 44 23.63 -2.36 -27.10
CA ASP A 44 24.29 -1.90 -25.88
C ASP A 44 25.53 -1.12 -26.30
N HIS A 45 25.55 0.17 -26.01
CA HIS A 45 26.67 1.04 -26.35
C HIS A 45 27.82 0.93 -25.36
N GLY A 46 27.62 0.16 -24.29
CA GLY A 46 28.65 -0.01 -23.28
C GLY A 46 28.65 1.15 -22.29
N ASP A 47 29.67 1.22 -21.43
CA ASP A 47 29.74 2.31 -20.45
C ASP A 47 30.71 3.40 -20.90
N LEU A 48 30.32 4.67 -20.71
CA LEU A 48 31.18 5.78 -21.07
C LEU A 48 32.30 5.88 -20.06
N ALA A 49 33.50 6.17 -20.54
CA ALA A 49 34.65 6.34 -19.65
C ALA A 49 34.76 7.84 -19.42
N PHE A 50 34.62 8.28 -18.17
CA PHE A 50 34.69 9.70 -17.86
C PHE A 50 36.08 10.13 -17.40
N VAL A 51 36.64 11.15 -18.06
CA VAL A 51 37.96 11.67 -17.73
C VAL A 51 37.85 12.53 -16.48
N ASP A 52 38.66 12.23 -15.48
CA ASP A 52 38.63 13.00 -14.25
C ASP A 52 39.44 14.28 -14.37
N VAL A 53 38.80 15.40 -14.04
CA VAL A 53 39.43 16.71 -14.10
C VAL A 53 40.26 16.95 -12.85
N PRO A 54 41.59 16.93 -12.99
CA PRO A 54 42.47 17.15 -11.84
C PRO A 54 42.33 18.57 -11.29
N ASN A 55 42.53 18.71 -9.98
CA ASN A 55 42.44 20.01 -9.34
C ASN A 55 41.08 20.66 -9.52
N ASP A 56 40.03 19.86 -9.35
CA ASP A 56 38.66 20.36 -9.50
C ASP A 56 38.23 21.05 -8.20
N SER A 57 38.66 22.29 -8.02
CA SER A 57 38.31 23.05 -6.82
C SER A 57 36.83 23.39 -6.83
N PRO A 58 36.19 23.39 -5.66
CA PRO A 58 34.77 23.70 -5.60
C PRO A 58 34.47 25.15 -5.99
N PHE A 59 33.34 25.35 -6.64
CA PHE A 59 32.91 26.68 -7.05
C PHE A 59 31.96 27.19 -5.96
N GLN A 60 32.51 27.94 -5.00
CA GLN A 60 31.75 28.44 -3.87
C GLN A 60 31.37 27.21 -3.03
N ILE A 61 30.12 26.74 -3.12
CA ILE A 61 29.71 25.55 -2.37
C ILE A 61 29.75 24.32 -3.28
N VAL A 62 29.45 24.54 -4.55
CA VAL A 62 29.40 23.49 -5.56
C VAL A 62 30.65 22.62 -5.68
N LYS A 63 30.47 21.32 -5.43
CA LYS A 63 31.57 20.35 -5.49
C LYS A 63 31.72 19.69 -6.87
N ASN A 64 32.96 19.39 -7.23
CA ASN A 64 33.32 18.76 -8.50
C ASN A 64 32.62 19.35 -9.72
N PRO A 65 32.51 20.68 -9.81
CA PRO A 65 31.84 21.28 -10.97
C PRO A 65 32.36 20.89 -12.34
N ARG A 66 33.68 20.95 -12.54
CA ARG A 66 34.27 20.62 -13.83
C ARG A 66 34.14 19.15 -14.21
N SER A 67 34.35 18.25 -13.26
CA SER A 67 34.23 16.82 -13.53
C SER A 67 32.77 16.48 -13.91
N VAL A 68 31.82 17.06 -13.20
CA VAL A 68 30.42 16.81 -13.49
C VAL A 68 30.05 17.45 -14.82
N GLY A 69 30.51 18.67 -15.04
CA GLY A 69 30.22 19.37 -16.28
C GLY A 69 30.78 18.67 -17.51
N LYS A 70 31.98 18.14 -17.39
CA LYS A 70 32.63 17.45 -18.49
C LYS A 70 31.97 16.10 -18.79
N ALA A 71 31.68 15.33 -17.74
CA ALA A 71 31.06 14.02 -17.90
C ALA A 71 29.70 14.19 -18.60
N ASN A 72 29.02 15.29 -18.28
CA ASN A 72 27.72 15.58 -18.87
C ASN A 72 27.79 16.09 -20.30
N GLU A 73 28.88 16.78 -20.65
CA GLU A 73 29.07 17.27 -22.00
C GLU A 73 29.26 16.03 -22.88
N GLN A 74 30.09 15.11 -22.40
CA GLN A 74 30.38 13.89 -23.13
C GLN A 74 29.09 13.05 -23.30
N LEU A 75 28.28 12.93 -22.23
CA LEU A 75 27.04 12.15 -22.32
C LEU A 75 26.06 12.78 -23.29
N ALA A 76 25.98 14.10 -23.28
CA ALA A 76 25.08 14.80 -24.18
C ALA A 76 25.44 14.53 -25.63
N ALA A 77 26.75 14.46 -25.91
CA ALA A 77 27.20 14.19 -27.29
C ALA A 77 26.69 12.81 -27.70
N VAL A 78 26.98 11.81 -26.87
CA VAL A 78 26.56 10.45 -27.16
C VAL A 78 25.05 10.35 -27.37
N VAL A 79 24.26 10.91 -26.45
CA VAL A 79 22.81 10.85 -26.57
C VAL A 79 22.28 11.57 -27.80
N ALA A 80 22.86 12.72 -28.14
CA ALA A 80 22.44 13.46 -29.34
C ALA A 80 22.67 12.57 -30.55
N GLU A 81 23.80 11.87 -30.53
CA GLU A 81 24.18 10.98 -31.61
C GLU A 81 23.15 9.85 -31.82
N THR A 82 22.83 9.09 -30.77
CA THR A 82 21.88 8.01 -30.93
C THR A 82 20.49 8.53 -31.28
N GLN A 83 20.10 9.66 -30.69
CA GLN A 83 18.79 10.24 -30.99
C GLN A 83 18.66 10.62 -32.45
N LYS A 84 19.78 11.11 -33.00
CA LYS A 84 19.83 11.53 -34.37
C LYS A 84 19.51 10.38 -35.31
N ASN A 85 20.02 9.19 -34.98
CA ASN A 85 19.78 8.01 -35.79
C ASN A 85 18.39 7.44 -35.57
N GLY A 86 17.58 8.15 -34.80
CA GLY A 86 16.22 7.71 -34.55
C GLY A 86 16.04 6.55 -33.59
N THR A 87 16.95 6.40 -32.64
CA THR A 87 16.82 5.30 -31.68
C THR A 87 16.43 5.86 -30.32
N ILE A 88 15.90 5.01 -29.46
CA ILE A 88 15.50 5.43 -28.11
C ILE A 88 16.67 5.27 -27.16
N SER A 89 17.09 6.35 -26.52
CA SER A 89 18.20 6.26 -25.57
C SER A 89 17.76 5.87 -24.16
N VAL A 90 18.53 4.99 -23.54
CA VAL A 90 18.27 4.52 -22.19
C VAL A 90 19.58 4.69 -21.42
N VAL A 91 19.60 5.65 -20.52
CA VAL A 91 20.77 5.93 -19.71
C VAL A 91 20.68 5.24 -18.35
N LEU A 92 21.71 4.45 -18.06
CA LEU A 92 21.75 3.75 -16.79
C LEU A 92 22.65 4.50 -15.94
N GLY A 93 21.97 4.93 -14.92
CA GLY A 93 22.66 5.78 -14.02
C GLY A 93 23.57 5.35 -12.92
N GLY A 94 24.24 6.43 -12.53
CA GLY A 94 25.12 6.64 -11.44
C GLY A 94 24.13 7.71 -10.95
N ASP A 95 24.61 8.83 -10.44
CA ASP A 95 23.71 9.81 -9.89
C ASP A 95 22.89 10.68 -10.86
N HIS A 96 21.83 11.27 -10.33
CA HIS A 96 20.94 12.07 -11.15
C HIS A 96 21.49 13.32 -11.85
N SER A 97 22.72 13.73 -11.56
CA SER A 97 23.25 14.91 -12.25
C SER A 97 23.41 14.57 -13.75
N MET A 98 23.53 13.29 -14.07
CA MET A 98 23.70 12.87 -15.45
C MET A 98 22.47 13.17 -16.33
N ALA A 99 21.40 13.62 -15.69
CA ALA A 99 20.18 13.95 -16.43
C ALA A 99 20.45 15.23 -17.23
N ILE A 100 21.42 16.01 -16.78
CA ILE A 100 21.77 17.24 -17.49
C ILE A 100 22.20 16.89 -18.91
N GLY A 101 23.19 15.99 -19.02
CA GLY A 101 23.66 15.58 -20.33
C GLY A 101 22.63 14.80 -21.11
N SER A 102 21.96 13.87 -20.42
CA SER A 102 20.95 13.03 -21.06
C SER A 102 19.82 13.84 -21.69
N ILE A 103 19.26 14.78 -20.96
CA ILE A 103 18.17 15.60 -21.47
C ILE A 103 18.66 16.65 -22.48
N SER A 104 19.86 17.19 -22.25
CA SER A 104 20.44 18.18 -23.18
C SER A 104 20.66 17.57 -24.55
N GLY A 105 21.30 16.40 -24.58
CA GLY A 105 21.55 15.74 -25.85
C GLY A 105 20.24 15.38 -26.53
N HIS A 106 19.29 14.88 -25.74
CA HIS A 106 17.98 14.51 -26.28
C HIS A 106 17.29 15.73 -26.90
N ALA A 107 17.34 16.86 -26.21
CA ALA A 107 16.69 18.08 -26.71
C ALA A 107 17.30 18.66 -27.99
N ARG A 108 18.58 18.35 -28.26
CA ARG A 108 19.21 18.87 -29.46
C ARG A 108 18.51 18.32 -30.71
N VAL A 109 18.05 17.08 -30.62
CA VAL A 109 17.38 16.40 -31.71
C VAL A 109 15.86 16.60 -31.65
N HIS A 110 15.34 16.61 -30.43
CA HIS A 110 13.90 16.78 -30.23
C HIS A 110 13.67 17.95 -29.31
N PRO A 111 13.78 19.16 -29.86
CA PRO A 111 13.61 20.39 -29.08
C PRO A 111 12.24 20.54 -28.42
N ASP A 112 11.23 19.88 -28.96
CA ASP A 112 9.88 20.02 -28.40
C ASP A 112 9.52 18.95 -27.36
N LEU A 113 10.51 18.22 -26.85
CA LEU A 113 10.24 17.19 -25.86
C LEU A 113 9.69 17.68 -24.51
N ALA A 114 9.03 16.77 -23.81
CA ALA A 114 8.48 17.06 -22.50
C ALA A 114 9.14 16.09 -21.52
N VAL A 115 9.26 16.51 -20.26
CA VAL A 115 9.91 15.68 -19.25
C VAL A 115 8.99 15.24 -18.12
N ILE A 116 9.01 13.94 -17.81
CA ILE A 116 8.25 13.40 -16.69
C ILE A 116 9.33 12.94 -15.70
N TRP A 117 9.43 13.68 -14.60
CA TRP A 117 10.45 13.43 -13.59
C TRP A 117 9.87 12.69 -12.38
N VAL A 118 10.25 11.43 -12.21
CA VAL A 118 9.76 10.63 -11.09
C VAL A 118 10.87 10.62 -10.07
N ASP A 119 10.58 11.21 -8.92
CA ASP A 119 11.59 11.39 -7.90
C ASP A 119 10.91 11.84 -6.60
N ALA A 120 11.58 11.61 -5.47
CA ALA A 120 11.07 12.02 -4.17
C ALA A 120 11.52 13.48 -4.02
N HIS A 121 12.44 13.88 -4.89
CA HIS A 121 13.01 15.22 -4.87
C HIS A 121 12.80 16.02 -6.17
N THR A 122 12.83 17.34 -6.07
CA THR A 122 12.65 18.16 -7.26
C THR A 122 13.99 18.32 -7.99
N ASP A 123 15.09 18.15 -7.26
CA ASP A 123 16.44 18.31 -7.82
C ASP A 123 16.58 19.60 -8.57
N ILE A 124 15.99 20.66 -8.03
CA ILE A 124 16.02 21.94 -8.72
C ILE A 124 16.75 23.05 -7.94
N ASN A 125 17.63 22.66 -7.02
CA ASN A 125 18.40 23.62 -6.25
C ASN A 125 19.35 24.31 -7.23
N THR A 126 19.56 25.60 -7.04
CA THR A 126 20.49 26.32 -7.90
C THR A 126 21.78 26.36 -7.10
N PRO A 127 22.89 26.71 -7.75
CA PRO A 127 24.18 26.77 -7.04
C PRO A 127 24.13 27.72 -5.85
N LEU A 128 23.17 28.64 -5.85
CA LEU A 128 23.03 29.60 -4.75
C LEU A 128 22.14 29.08 -3.61
N THR A 129 21.17 28.22 -3.92
CA THR A 129 20.29 27.70 -2.88
C THR A 129 20.68 26.37 -2.23
N THR A 130 21.62 25.63 -2.80
CA THR A 130 22.03 24.36 -2.19
C THR A 130 22.62 24.50 -0.79
N SER A 131 22.27 23.57 0.08
CA SER A 131 22.78 23.55 1.45
C SER A 131 24.08 22.75 1.41
N SER A 132 24.17 21.91 0.38
CA SER A 132 25.33 21.07 0.15
C SER A 132 25.70 21.43 -1.28
N GLY A 133 26.96 21.27 -1.66
CA GLY A 133 27.31 21.62 -3.03
C GLY A 133 27.01 20.51 -4.03
N ASN A 134 26.28 19.50 -3.58
CA ASN A 134 25.97 18.34 -4.43
C ASN A 134 25.11 18.59 -5.67
N LEU A 135 25.70 18.30 -6.83
CA LEU A 135 25.05 18.53 -8.11
C LEU A 135 23.92 17.60 -8.51
N ALA A 136 23.83 16.45 -7.87
CA ALA A 136 22.76 15.50 -8.16
C ALA A 136 21.42 16.14 -7.72
N GLY A 137 21.49 17.15 -6.87
CA GLY A 137 20.29 17.82 -6.40
C GLY A 137 20.01 19.11 -7.15
N GLN A 138 20.74 19.33 -8.25
CA GLN A 138 20.59 20.54 -9.05
C GLN A 138 20.35 20.41 -10.59
N PRO A 139 20.25 19.17 -11.11
CA PRO A 139 20.04 18.97 -12.55
C PRO A 139 19.08 19.91 -13.30
N VAL A 140 17.84 19.95 -12.81
CA VAL A 140 16.79 20.77 -13.40
C VAL A 140 17.08 22.27 -13.43
N ALA A 141 17.84 22.77 -12.46
CA ALA A 141 18.18 24.19 -12.43
C ALA A 141 18.96 24.55 -13.69
N PHE A 142 19.87 23.67 -14.11
CA PHE A 142 20.66 23.91 -15.31
C PHE A 142 19.90 23.75 -16.63
N LEU A 143 18.76 23.07 -16.60
CA LEU A 143 17.97 22.82 -17.80
C LEU A 143 16.82 23.78 -18.05
N LEU A 144 16.37 24.49 -17.02
CA LEU A 144 15.25 25.41 -17.19
C LEU A 144 15.62 26.75 -17.80
N LYS A 145 14.83 27.15 -18.79
CA LYS A 145 15.02 28.43 -19.47
C LYS A 145 14.77 29.55 -18.48
N GLU A 146 13.69 29.42 -17.70
CA GLU A 146 13.31 30.43 -16.72
C GLU A 146 14.33 30.65 -15.57
N LEU A 147 15.34 29.79 -15.49
CA LEU A 147 16.34 29.90 -14.44
C LEU A 147 17.67 30.39 -14.97
N LYS A 148 17.67 30.77 -16.25
CA LYS A 148 18.87 31.29 -16.91
C LYS A 148 19.29 32.65 -16.35
N GLY A 149 20.55 32.75 -15.89
CA GLY A 149 21.04 34.01 -15.36
C GLY A 149 20.62 34.32 -13.93
N LYS A 150 19.94 33.37 -13.29
CA LYS A 150 19.49 33.55 -11.91
C LYS A 150 20.55 32.99 -10.96
N PHE A 151 21.61 32.42 -11.54
CA PHE A 151 22.71 31.91 -10.75
C PHE A 151 24.00 32.05 -11.56
N PRO A 152 25.14 32.29 -10.88
CA PRO A 152 26.43 32.45 -11.55
C PRO A 152 26.82 31.26 -12.44
N ASP A 153 27.51 31.54 -13.53
CA ASP A 153 27.95 30.48 -14.44
C ASP A 153 28.94 29.58 -13.69
N VAL A 154 28.77 28.27 -13.81
CA VAL A 154 29.61 27.31 -13.12
C VAL A 154 30.68 26.73 -14.04
N PRO A 155 31.90 26.55 -13.51
CA PRO A 155 33.02 25.98 -14.27
C PRO A 155 32.68 24.58 -14.82
N GLY A 156 32.70 24.44 -16.15
CA GLY A 156 32.41 23.17 -16.77
C GLY A 156 31.02 23.05 -17.40
N PHE A 157 30.17 24.04 -17.17
CA PHE A 157 28.82 24.00 -17.71
C PHE A 157 28.47 25.05 -18.77
N SER A 158 29.48 25.72 -19.33
CA SER A 158 29.20 26.76 -20.32
C SER A 158 28.59 26.21 -21.62
N TRP A 159 28.77 24.92 -21.87
CA TRP A 159 28.24 24.25 -23.06
C TRP A 159 26.74 23.99 -22.96
N VAL A 160 26.22 24.02 -21.74
CA VAL A 160 24.82 23.76 -21.50
C VAL A 160 23.93 24.91 -21.98
N THR A 161 22.84 24.55 -22.63
CA THR A 161 21.88 25.53 -23.12
C THR A 161 20.53 25.12 -22.58
N PRO A 162 19.91 25.96 -21.74
CA PRO A 162 18.59 25.65 -21.18
C PRO A 162 17.68 25.25 -22.32
N ALA A 163 17.26 23.99 -22.32
CA ALA A 163 16.43 23.46 -23.39
C ALA A 163 14.92 23.40 -23.13
N ILE A 164 14.52 23.18 -21.89
CA ILE A 164 13.09 23.14 -21.62
C ILE A 164 12.60 24.24 -20.68
N SER A 165 11.33 24.59 -20.83
CA SER A 165 10.73 25.63 -19.99
C SER A 165 9.90 24.97 -18.90
N ALA A 166 9.47 25.78 -17.94
CA ALA A 166 8.66 25.30 -16.83
C ALA A 166 7.40 24.56 -17.27
N LYS A 167 6.88 24.90 -18.45
CA LYS A 167 5.68 24.28 -18.98
C LYS A 167 5.88 22.86 -19.49
N ASP A 168 7.12 22.46 -19.67
CA ASP A 168 7.40 21.15 -20.24
C ASP A 168 7.82 20.06 -19.26
N ILE A 169 7.71 20.33 -17.97
CA ILE A 169 8.10 19.32 -17.01
C ILE A 169 7.00 19.03 -15.98
N VAL A 170 6.90 17.75 -15.60
CA VAL A 170 5.93 17.33 -14.62
C VAL A 170 6.64 16.42 -13.63
N TYR A 171 6.52 16.76 -12.35
CA TYR A 171 7.13 15.96 -11.29
C TYR A 171 6.09 14.99 -10.74
N ILE A 172 6.53 13.80 -10.34
CA ILE A 172 5.65 12.81 -9.74
C ILE A 172 6.38 12.10 -8.60
N GLY A 173 5.78 12.08 -7.42
CA GLY A 173 6.38 11.42 -6.26
C GLY A 173 7.06 12.30 -5.22
N LEU A 174 7.00 13.61 -5.39
CA LEU A 174 7.63 14.55 -4.47
C LEU A 174 7.24 14.40 -3.01
N ARG A 175 8.24 14.44 -2.11
CA ARG A 175 7.97 14.30 -0.68
C ARG A 175 9.14 14.83 0.17
N ASP A 176 10.18 15.33 -0.47
CA ASP A 176 11.35 15.88 0.23
C ASP A 176 11.88 17.09 -0.56
N VAL A 177 11.21 18.23 -0.39
CA VAL A 177 11.57 19.46 -1.10
C VAL A 177 12.11 20.53 -0.16
N ASP A 178 13.30 21.05 -0.47
CA ASP A 178 13.89 22.12 0.36
C ASP A 178 13.06 23.38 0.20
N PRO A 179 13.15 24.31 1.17
CA PRO A 179 12.40 25.57 1.12
C PRO A 179 12.67 26.33 -0.19
N GLY A 180 13.94 26.43 -0.55
CA GLY A 180 14.29 27.15 -1.77
C GLY A 180 13.67 26.53 -3.03
N GLU A 181 13.76 25.21 -3.13
CA GLU A 181 13.21 24.50 -4.28
C GLU A 181 11.71 24.72 -4.35
N HIS A 182 11.06 24.61 -3.19
CA HIS A 182 9.62 24.81 -3.12
C HIS A 182 9.28 26.20 -3.62
N TYR A 183 10.05 27.19 -3.19
CA TYR A 183 9.84 28.56 -3.63
C TYR A 183 9.88 28.63 -5.17
N ILE A 184 10.92 28.02 -5.74
CA ILE A 184 11.10 27.99 -7.19
C ILE A 184 9.95 27.35 -7.96
N ILE A 185 9.54 26.13 -7.58
CA ILE A 185 8.45 25.48 -8.31
C ILE A 185 7.13 26.23 -8.18
N LYS A 186 6.89 26.88 -7.04
CA LYS A 186 5.64 27.64 -6.87
C LYS A 186 5.72 28.92 -7.72
N THR A 187 6.85 29.60 -7.64
CA THR A 187 7.03 30.84 -8.40
C THR A 187 6.96 30.62 -9.92
N LEU A 188 7.61 29.57 -10.40
CA LEU A 188 7.61 29.26 -11.83
C LEU A 188 6.36 28.56 -12.35
N GLY A 189 5.49 28.14 -11.44
CA GLY A 189 4.26 27.48 -11.86
C GLY A 189 4.43 26.10 -12.47
N ILE A 190 5.42 25.37 -11.97
CA ILE A 190 5.70 24.01 -12.45
C ILE A 190 4.66 23.01 -11.98
N LYS A 191 4.12 22.22 -12.90
CA LYS A 191 3.13 21.20 -12.57
C LYS A 191 3.80 20.06 -11.80
N TYR A 192 3.16 19.63 -10.70
CA TYR A 192 3.71 18.53 -9.92
C TYR A 192 2.63 17.77 -9.21
N PHE A 193 2.96 16.53 -8.88
CA PHE A 193 2.06 15.65 -8.14
C PHE A 193 2.90 15.08 -7.00
N SER A 194 2.80 15.70 -5.84
CA SER A 194 3.56 15.22 -4.68
C SER A 194 2.81 14.02 -4.19
N MET A 195 3.36 13.31 -3.21
CA MET A 195 2.66 12.16 -2.70
C MET A 195 1.25 12.53 -2.25
N THR A 196 1.03 13.77 -1.79
CA THR A 196 -0.33 14.10 -1.37
C THR A 196 -1.32 14.12 -2.54
N GLU A 197 -0.89 14.54 -3.74
CA GLU A 197 -1.80 14.52 -4.89
C GLU A 197 -2.03 13.07 -5.34
N VAL A 198 -0.99 12.24 -5.21
CA VAL A 198 -1.11 10.83 -5.56
C VAL A 198 -2.10 10.14 -4.62
N ASP A 199 -2.02 10.51 -3.35
CA ASP A 199 -2.91 9.95 -2.33
C ASP A 199 -4.35 10.38 -2.60
N LYS A 200 -4.50 11.66 -2.91
CA LYS A 200 -5.83 12.23 -3.20
C LYS A 200 -6.50 11.69 -4.45
N LEU A 201 -5.74 11.70 -5.54
CA LEU A 201 -6.23 11.30 -6.85
C LEU A 201 -6.11 9.84 -7.29
N GLY A 202 -5.11 9.14 -6.76
CA GLY A 202 -4.91 7.77 -7.18
C GLY A 202 -3.98 7.87 -8.38
N ILE A 203 -3.04 6.94 -8.51
CA ILE A 203 -2.09 7.00 -9.62
C ILE A 203 -2.77 7.03 -11.01
N GLY A 204 -3.92 6.38 -11.14
CA GLY A 204 -4.60 6.37 -12.44
C GLY A 204 -4.96 7.77 -12.93
N LYS A 205 -5.57 8.58 -12.07
CA LYS A 205 -5.96 9.93 -12.45
C LYS A 205 -4.74 10.83 -12.57
N VAL A 206 -3.70 10.56 -11.78
CA VAL A 206 -2.48 11.36 -11.85
C VAL A 206 -1.90 11.26 -13.28
N MET A 207 -1.83 10.06 -13.82
CA MET A 207 -1.27 9.89 -15.17
C MET A 207 -2.15 10.52 -16.25
N GLU A 208 -3.45 10.45 -16.04
CA GLU A 208 -4.42 11.03 -16.96
C GLU A 208 -4.12 12.52 -17.09
N GLU A 209 -3.98 13.16 -15.94
CA GLU A 209 -3.73 14.59 -15.91
C GLU A 209 -2.35 15.01 -16.39
N THR A 210 -1.32 14.21 -16.10
CA THR A 210 -0.01 14.64 -16.59
C THR A 210 0.02 14.54 -18.12
N PHE A 211 -0.72 13.59 -18.69
CA PHE A 211 -0.76 13.48 -20.14
C PHE A 211 -1.59 14.60 -20.78
N SER A 212 -2.73 14.95 -20.20
CA SER A 212 -3.54 16.01 -20.77
C SER A 212 -2.83 17.35 -20.63
N TYR A 213 -1.96 17.46 -19.62
CA TYR A 213 -1.20 18.68 -19.39
C TYR A 213 -0.02 18.82 -20.37
N LEU A 214 0.72 17.72 -20.58
CA LEU A 214 1.88 17.78 -21.46
C LEU A 214 1.59 17.49 -22.93
N LEU A 215 0.59 16.67 -23.20
CA LEU A 215 0.26 16.29 -24.57
C LEU A 215 -1.09 16.78 -25.08
N GLY A 216 -1.84 17.50 -24.25
CA GLY A 216 -3.14 18.00 -24.66
C GLY A 216 -3.19 18.75 -25.97
N ARG A 217 -2.22 19.64 -26.18
CA ARG A 217 -2.15 20.44 -27.39
C ARG A 217 -1.38 19.78 -28.51
N LYS A 218 -0.13 19.43 -28.25
CA LYS A 218 0.71 18.80 -29.25
C LYS A 218 1.26 17.49 -28.71
N LYS A 219 1.33 16.49 -29.59
CA LYS A 219 1.91 15.22 -29.21
C LYS A 219 3.40 15.46 -29.44
N ARG A 220 4.21 15.13 -28.45
CA ARG A 220 5.65 15.33 -28.58
C ARG A 220 6.42 14.22 -27.90
N PRO A 221 7.72 14.11 -28.20
CA PRO A 221 8.55 13.07 -27.58
C PRO A 221 8.55 13.22 -26.04
N ILE A 222 8.57 12.09 -25.36
CA ILE A 222 8.61 12.09 -23.90
C ILE A 222 9.96 11.61 -23.39
N HIS A 223 10.50 12.31 -22.41
CA HIS A 223 11.74 11.91 -21.78
C HIS A 223 11.34 11.58 -20.34
N LEU A 224 11.58 10.34 -19.94
CA LEU A 224 11.24 9.93 -18.59
C LEU A 224 12.51 9.78 -17.81
N SER A 225 12.70 10.66 -16.82
CA SER A 225 13.89 10.59 -15.98
C SER A 225 13.40 9.95 -14.69
N PHE A 226 13.86 8.73 -14.41
CA PHE A 226 13.40 8.01 -13.24
C PHE A 226 14.42 7.84 -12.13
N ASP A 227 14.20 8.55 -11.02
CA ASP A 227 15.10 8.41 -9.87
C ASP A 227 14.47 7.28 -9.05
N VAL A 228 15.24 6.24 -8.83
CA VAL A 228 14.74 5.08 -8.11
C VAL A 228 14.24 5.41 -6.67
N ASP A 229 14.69 6.51 -6.06
CA ASP A 229 14.19 6.86 -4.71
C ASP A 229 12.77 7.45 -4.80
N GLY A 230 12.21 7.47 -6.00
CA GLY A 230 10.84 7.95 -6.15
C GLY A 230 9.93 6.91 -5.49
N LEU A 231 10.35 5.65 -5.55
CA LEU A 231 9.59 4.58 -4.93
C LEU A 231 10.00 4.48 -3.46
N ASP A 232 9.08 3.93 -2.67
CA ASP A 232 9.32 3.77 -1.24
C ASP A 232 10.55 2.87 -0.98
N PRO A 233 11.35 3.20 0.06
CA PRO A 233 12.56 2.48 0.47
C PRO A 233 12.37 0.98 0.64
N VAL A 234 11.12 0.59 0.81
CA VAL A 234 10.77 -0.82 0.98
C VAL A 234 10.96 -1.57 -0.31
N PHE A 235 10.89 -0.85 -1.43
CA PHE A 235 11.05 -1.45 -2.75
C PHE A 235 12.42 -1.15 -3.35
N THR A 236 12.93 0.05 -3.09
CA THR A 236 14.23 0.45 -3.62
C THR A 236 15.13 1.01 -2.52
N PRO A 237 15.48 0.18 -1.52
CA PRO A 237 16.34 0.61 -0.41
C PRO A 237 17.78 1.02 -0.78
N ALA A 238 18.34 0.40 -1.81
CA ALA A 238 19.71 0.73 -2.21
C ALA A 238 19.85 2.02 -3.04
N THR A 239 19.66 3.16 -2.36
CA THR A 239 19.79 4.49 -2.99
C THR A 239 20.42 5.41 -1.95
N GLY A 240 20.95 6.53 -2.42
CA GLY A 240 21.59 7.48 -1.53
C GLY A 240 20.68 8.30 -0.64
N THR A 241 19.50 8.68 -1.13
CA THR A 241 18.58 9.51 -0.35
C THR A 241 17.17 8.94 -0.27
N PRO A 242 16.99 7.85 0.48
CA PRO A 242 15.66 7.24 0.61
C PRO A 242 14.75 8.06 1.54
N VAL A 243 13.48 8.21 1.16
CA VAL A 243 12.52 8.98 1.93
C VAL A 243 11.27 8.11 2.10
N VAL A 244 10.83 7.91 3.33
CA VAL A 244 9.66 7.07 3.55
C VAL A 244 8.37 7.65 2.95
N GLY A 245 7.39 6.78 2.73
CA GLY A 245 6.11 7.20 2.17
C GLY A 245 6.13 7.47 0.67
N GLY A 246 6.85 6.65 -0.09
CA GLY A 246 6.90 6.86 -1.52
C GLY A 246 5.93 6.03 -2.33
N LEU A 247 6.13 6.07 -3.65
CA LEU A 247 5.33 5.32 -4.61
C LEU A 247 5.56 3.85 -4.37
N SER A 248 4.54 3.05 -4.61
CA SER A 248 4.65 1.61 -4.41
C SER A 248 5.17 0.99 -5.69
N TYR A 249 5.55 -0.27 -5.61
CA TYR A 249 6.06 -1.04 -6.74
C TYR A 249 4.98 -0.99 -7.82
N ARG A 250 3.74 -1.21 -7.40
CA ARG A 250 2.59 -1.19 -8.30
C ARG A 250 2.42 0.16 -9.02
N GLU A 251 2.47 1.25 -8.28
CA GLU A 251 2.30 2.59 -8.88
C GLU A 251 3.46 2.90 -9.85
N GLY A 252 4.66 2.42 -9.50
CA GLY A 252 5.81 2.65 -10.35
C GLY A 252 5.57 1.96 -11.68
N LEU A 253 5.12 0.72 -11.62
CA LEU A 253 4.85 -0.05 -12.83
C LEU A 253 3.71 0.56 -13.62
N TYR A 254 2.71 1.07 -12.92
CA TYR A 254 1.57 1.69 -13.58
C TYR A 254 2.03 2.89 -14.41
N ILE A 255 2.97 3.66 -13.86
CA ILE A 255 3.51 4.85 -14.51
C ILE A 255 4.19 4.44 -15.83
N THR A 256 5.06 3.43 -15.75
CA THR A 256 5.78 2.98 -16.92
C THR A 256 4.87 2.33 -17.96
N GLU A 257 3.85 1.60 -17.52
CA GLU A 257 2.92 0.97 -18.46
C GLU A 257 2.14 2.01 -19.26
N GLU A 258 1.72 3.08 -18.59
CA GLU A 258 0.97 4.15 -19.24
C GLU A 258 1.86 4.91 -20.22
N ILE A 259 3.11 5.15 -19.84
CA ILE A 259 4.03 5.84 -20.72
C ILE A 259 4.29 4.99 -21.94
N TYR A 260 4.45 3.68 -21.75
CA TYR A 260 4.65 2.80 -22.89
C TYR A 260 3.48 2.94 -23.86
N LYS A 261 2.26 2.94 -23.32
CA LYS A 261 1.05 3.03 -24.13
C LYS A 261 0.88 4.30 -24.97
N THR A 262 1.56 5.39 -24.61
CA THR A 262 1.46 6.64 -25.38
C THR A 262 2.16 6.46 -26.72
N GLY A 263 3.13 5.55 -26.76
CA GLY A 263 3.87 5.34 -27.98
C GLY A 263 4.86 6.45 -28.23
N LEU A 264 5.00 7.36 -27.26
CA LEU A 264 5.89 8.52 -27.37
C LEU A 264 7.20 8.52 -26.57
N LEU A 265 7.49 7.44 -25.86
CA LEU A 265 8.71 7.39 -25.07
C LEU A 265 9.89 7.53 -26.03
N SER A 266 10.76 8.51 -25.74
CA SER A 266 11.89 8.82 -26.59
C SER A 266 13.22 8.71 -25.87
N GLY A 267 13.23 9.05 -24.58
CA GLY A 267 14.43 9.00 -23.75
C GLY A 267 14.09 8.51 -22.35
N LEU A 268 14.98 7.73 -21.75
CA LEU A 268 14.73 7.17 -20.41
C LEU A 268 16.00 7.19 -19.58
N ASP A 269 15.87 7.54 -18.31
CA ASP A 269 16.98 7.55 -17.38
C ASP A 269 16.57 6.63 -16.20
N ILE A 270 17.47 5.74 -15.78
CA ILE A 270 17.23 4.88 -14.62
C ILE A 270 18.36 5.24 -13.69
N MET A 271 18.08 6.21 -12.81
CA MET A 271 19.11 6.75 -11.93
C MET A 271 19.08 6.41 -10.45
N GLU A 272 20.22 6.68 -9.84
CA GLU A 272 20.44 6.51 -8.41
C GLU A 272 20.46 5.11 -7.80
N VAL A 273 20.67 4.07 -8.60
CA VAL A 273 20.76 2.73 -8.03
C VAL A 273 22.20 2.60 -7.47
N ASN A 274 22.32 2.50 -6.15
CA ASN A 274 23.66 2.40 -5.54
C ASN A 274 23.74 1.05 -4.82
N PRO A 275 24.40 0.05 -5.45
CA PRO A 275 24.58 -1.32 -4.94
C PRO A 275 25.29 -1.41 -3.58
N THR A 276 26.17 -0.47 -3.28
CA THR A 276 26.91 -0.51 -2.02
C THR A 276 26.13 -0.02 -0.81
N LEU A 277 24.92 0.50 -1.03
CA LEU A 277 24.11 0.98 0.08
C LEU A 277 23.07 0.00 0.58
N GLY A 278 23.10 -1.22 0.09
CA GLY A 278 22.13 -2.20 0.58
C GLY A 278 22.66 -2.78 1.89
N LYS A 279 21.83 -2.83 2.92
CA LYS A 279 22.23 -3.38 4.21
C LYS A 279 22.40 -4.88 4.16
N THR A 280 21.74 -5.50 3.20
CA THR A 280 21.84 -6.95 3.02
C THR A 280 21.86 -7.19 1.51
N PRO A 281 22.42 -8.32 1.06
CA PRO A 281 22.44 -8.60 -0.37
C PRO A 281 21.03 -8.52 -0.96
N GLU A 282 20.05 -9.03 -0.21
CA GLU A 282 18.67 -9.03 -0.66
C GLU A 282 18.16 -7.62 -0.96
N GLU A 283 18.60 -6.63 -0.18
CA GLU A 283 18.14 -5.27 -0.41
C GLU A 283 18.64 -4.76 -1.75
N VAL A 284 19.83 -5.19 -2.14
CA VAL A 284 20.38 -4.74 -3.41
C VAL A 284 19.60 -5.47 -4.51
N THR A 285 19.37 -6.77 -4.30
CA THR A 285 18.63 -7.58 -5.27
C THR A 285 17.24 -6.97 -5.50
N ARG A 286 16.62 -6.54 -4.40
CA ARG A 286 15.29 -5.95 -4.45
C ARG A 286 15.33 -4.66 -5.29
N THR A 287 16.32 -3.82 -5.03
CA THR A 287 16.41 -2.57 -5.75
C THR A 287 16.68 -2.79 -7.24
N VAL A 288 17.68 -3.63 -7.56
CA VAL A 288 18.01 -3.90 -8.97
C VAL A 288 16.81 -4.49 -9.71
N ASN A 289 16.18 -5.51 -9.12
CA ASN A 289 15.03 -6.15 -9.76
C ASN A 289 13.87 -5.19 -10.07
N THR A 290 13.60 -4.22 -9.20
CA THR A 290 12.51 -3.33 -9.54
C THR A 290 12.96 -2.32 -10.59
N ALA A 291 14.24 -1.97 -10.61
CA ALA A 291 14.72 -1.03 -11.64
C ALA A 291 14.61 -1.72 -13.00
N VAL A 292 14.94 -3.01 -13.06
CA VAL A 292 14.88 -3.77 -14.30
C VAL A 292 13.41 -3.86 -14.73
N ALA A 293 12.54 -4.25 -13.82
CA ALA A 293 11.11 -4.37 -14.10
C ALA A 293 10.53 -3.06 -14.66
N LEU A 294 10.95 -1.93 -14.12
CA LEU A 294 10.47 -0.63 -14.59
C LEU A 294 10.92 -0.37 -16.02
N THR A 295 12.17 -0.72 -16.32
CA THR A 295 12.72 -0.52 -17.65
C THR A 295 11.97 -1.39 -18.64
N LEU A 296 11.82 -2.68 -18.34
CA LEU A 296 11.09 -3.57 -19.26
C LEU A 296 9.66 -3.09 -19.48
N SER A 297 9.05 -2.56 -18.42
CA SER A 297 7.68 -2.07 -18.49
C SER A 297 7.57 -0.90 -19.47
N ALA A 298 8.56 0.00 -19.44
CA ALA A 298 8.58 1.15 -20.35
C ALA A 298 8.61 0.65 -21.79
N PHE A 299 9.15 -0.55 -22.01
CA PHE A 299 9.24 -1.08 -23.37
C PHE A 299 8.26 -2.21 -23.70
N GLY A 300 7.07 -2.15 -23.09
CA GLY A 300 6.04 -3.13 -23.42
C GLY A 300 5.63 -4.27 -22.51
N THR A 301 6.47 -4.64 -21.56
CA THR A 301 6.09 -5.74 -20.68
C THR A 301 4.90 -5.29 -19.83
N LYS A 302 3.80 -6.02 -19.97
CA LYS A 302 2.55 -5.74 -19.25
C LYS A 302 2.31 -6.78 -18.17
N ARG A 303 1.64 -6.38 -17.09
CA ARG A 303 1.35 -7.31 -16.01
C ARG A 303 0.26 -8.30 -16.40
N GLU A 304 -0.62 -7.91 -17.32
CA GLU A 304 -1.68 -8.80 -17.77
C GLU A 304 -1.11 -9.88 -18.68
N GLY A 305 0.14 -9.68 -19.09
CA GLY A 305 0.81 -10.66 -19.94
C GLY A 305 1.08 -10.16 -21.35
N ASN A 306 1.90 -10.90 -22.10
CA ASN A 306 2.26 -10.56 -23.47
C ASN A 306 2.31 -11.82 -24.32
N HIS A 307 1.93 -11.71 -25.58
CA HIS A 307 2.03 -12.86 -26.48
C HIS A 307 2.50 -12.31 -27.83
N LYS A 308 3.34 -13.08 -28.51
CA LYS A 308 3.89 -12.63 -29.79
C LYS A 308 2.83 -12.66 -30.88
N PRO A 309 2.73 -11.59 -31.69
CA PRO A 309 1.75 -11.50 -32.77
C PRO A 309 1.97 -12.57 -33.85
N GLU A 310 0.86 -12.98 -34.47
CA GLU A 310 0.88 -13.99 -35.53
C GLU A 310 1.21 -15.41 -35.09
N THR A 311 1.41 -15.62 -33.79
CA THR A 311 1.72 -16.95 -33.29
C THR A 311 0.46 -17.56 -32.72
N ASP A 312 -0.06 -18.58 -33.38
CA ASP A 312 -1.26 -19.23 -32.89
C ASP A 312 -0.79 -20.26 -31.86
N TYR A 313 -0.99 -19.95 -30.59
CA TYR A 313 -0.56 -20.83 -29.50
C TYR A 313 -1.44 -22.08 -29.32
N LEU A 314 -2.46 -22.20 -30.17
CA LEU A 314 -3.35 -23.36 -30.12
C LEU A 314 -3.21 -24.23 -31.38
N LYS B 1 -27.99 -20.21 7.22
CA LYS B 1 -27.44 -21.04 6.10
C LYS B 1 -26.38 -21.98 6.64
N PRO B 2 -26.13 -23.11 5.98
CA PRO B 2 -25.13 -24.09 6.43
C PRO B 2 -23.83 -24.05 5.61
N ILE B 3 -22.73 -24.27 6.29
CA ILE B 3 -21.40 -24.29 5.69
C ILE B 3 -20.84 -25.67 5.87
N GLU B 4 -20.17 -26.19 4.84
CA GLU B 4 -19.53 -27.49 4.98
C GLU B 4 -18.07 -27.38 4.53
N ILE B 5 -17.16 -27.59 5.47
CA ILE B 5 -15.73 -27.56 5.17
C ILE B 5 -15.29 -28.91 4.64
N ILE B 6 -14.58 -28.87 3.52
CA ILE B 6 -14.07 -30.08 2.88
C ILE B 6 -12.58 -29.88 2.66
N GLY B 7 -11.78 -30.73 3.30
CA GLY B 7 -10.33 -30.62 3.13
C GLY B 7 -9.86 -31.41 1.92
N ALA B 8 -9.03 -30.80 1.08
CA ALA B 8 -8.47 -31.46 -0.08
C ALA B 8 -6.95 -31.42 0.00
N PRO B 9 -6.36 -32.24 0.90
CA PRO B 9 -4.92 -32.30 1.09
C PRO B 9 -4.25 -33.00 -0.09
N PHE B 10 -4.18 -32.31 -1.22
CA PHE B 10 -3.61 -32.86 -2.45
C PHE B 10 -2.49 -31.97 -2.97
N SER B 11 -1.44 -32.57 -3.52
CA SER B 11 -0.32 -31.80 -4.06
C SER B 11 0.27 -32.23 -5.41
N LYS B 12 -0.25 -33.30 -6.01
CA LYS B 12 0.28 -33.77 -7.30
C LYS B 12 0.07 -32.80 -8.47
N GLY B 13 -0.67 -31.72 -8.25
CA GLY B 13 -0.89 -30.76 -9.33
C GLY B 13 0.33 -29.87 -9.58
N CYS B 14 1.34 -30.00 -8.73
CA CYS B 14 2.58 -29.22 -8.86
C CYS B 14 3.76 -29.98 -8.20
N PRO B 15 5.00 -29.59 -8.53
CA PRO B 15 6.23 -30.20 -8.01
C PRO B 15 6.63 -29.99 -6.54
N ARG B 16 6.13 -28.94 -5.90
CA ARG B 16 6.50 -28.67 -4.50
C ARG B 16 5.60 -29.34 -3.47
N GLY B 17 6.14 -30.34 -2.78
CA GLY B 17 5.34 -31.03 -1.78
C GLY B 17 5.08 -30.05 -0.66
N GLY B 18 4.01 -30.27 0.09
CA GLY B 18 3.72 -29.37 1.19
C GLY B 18 2.31 -28.80 1.22
N VAL B 19 1.73 -28.52 0.06
CA VAL B 19 0.37 -27.97 0.03
C VAL B 19 -0.64 -28.91 0.60
N GLU B 20 -0.31 -30.20 0.69
CA GLU B 20 -1.25 -31.16 1.25
C GLU B 20 -1.45 -30.86 2.73
N LYS B 21 -0.46 -30.21 3.35
CA LYS B 21 -0.52 -29.86 4.76
C LYS B 21 -1.37 -28.61 5.00
N GLY B 22 -1.80 -28.01 3.89
CA GLY B 22 -2.59 -26.81 3.96
C GLY B 22 -3.82 -26.88 4.84
N PRO B 23 -4.71 -27.87 4.63
CA PRO B 23 -5.92 -27.99 5.45
C PRO B 23 -5.62 -28.11 6.95
N ALA B 24 -4.62 -28.91 7.29
CA ALA B 24 -4.25 -29.10 8.68
C ALA B 24 -3.81 -27.77 9.32
N ALA B 25 -2.97 -27.03 8.62
CA ALA B 25 -2.50 -25.74 9.12
C ALA B 25 -3.65 -24.77 9.39
N LEU B 26 -4.63 -24.76 8.48
CA LEU B 26 -5.78 -23.87 8.61
C LEU B 26 -6.69 -24.29 9.77
N ARG B 27 -6.88 -25.60 9.95
CA ARG B 27 -7.69 -26.07 11.06
C ARG B 27 -6.97 -25.79 12.37
N LYS B 28 -5.66 -26.00 12.34
CA LYS B 28 -4.79 -25.79 13.50
C LYS B 28 -4.93 -24.37 14.01
N ALA B 29 -5.11 -23.44 13.07
CA ALA B 29 -5.23 -22.03 13.39
C ALA B 29 -6.62 -21.65 13.87
N GLY B 30 -7.50 -22.63 14.06
CA GLY B 30 -8.83 -22.36 14.56
C GLY B 30 -9.90 -21.96 13.56
N LEU B 31 -9.68 -22.24 12.28
CA LEU B 31 -10.63 -21.86 11.24
C LEU B 31 -12.07 -22.32 11.52
N VAL B 32 -12.23 -23.61 11.81
CA VAL B 32 -13.55 -24.15 12.07
C VAL B 32 -14.23 -23.53 13.28
N GLU B 33 -13.51 -23.42 14.39
CA GLU B 33 -14.09 -22.84 15.60
C GLU B 33 -14.49 -21.37 15.38
N LYS B 34 -13.62 -20.59 14.75
CA LYS B 34 -13.89 -19.17 14.49
C LYS B 34 -15.10 -19.00 13.58
N LEU B 35 -15.32 -19.95 12.67
CA LEU B 35 -16.48 -19.88 11.78
C LEU B 35 -17.79 -20.14 12.52
N LYS B 36 -17.74 -20.96 13.58
CA LYS B 36 -18.94 -21.26 14.36
C LYS B 36 -19.42 -20.01 15.13
N GLU B 37 -18.53 -19.04 15.31
CA GLU B 37 -18.88 -17.82 16.03
C GLU B 37 -19.67 -16.89 15.13
N THR B 38 -19.75 -17.20 13.84
CA THR B 38 -20.50 -16.38 12.91
C THR B 38 -21.95 -16.86 12.90
N GLU B 39 -22.79 -16.17 12.13
CA GLU B 39 -24.21 -16.49 12.05
C GLU B 39 -24.53 -17.77 11.27
N TYR B 40 -23.49 -18.46 10.82
CA TYR B 40 -23.66 -19.67 10.03
C TYR B 40 -23.54 -20.96 10.83
N ASN B 41 -24.16 -22.02 10.30
CA ASN B 41 -24.09 -23.35 10.89
C ASN B 41 -22.93 -24.03 10.18
N VAL B 42 -21.95 -24.49 10.93
CA VAL B 42 -20.79 -25.12 10.33
C VAL B 42 -20.65 -26.60 10.59
N ARG B 43 -20.34 -27.34 9.53
CA ARG B 43 -20.13 -28.77 9.63
C ARG B 43 -18.83 -29.09 8.92
N ASP B 44 -17.90 -29.72 9.63
CA ASP B 44 -16.60 -30.08 9.08
C ASP B 44 -16.70 -31.50 8.55
N HIS B 45 -16.57 -31.67 7.23
CA HIS B 45 -16.65 -32.98 6.59
C HIS B 45 -15.33 -33.76 6.71
N GLY B 46 -14.31 -33.13 7.28
CA GLY B 46 -13.01 -33.76 7.41
C GLY B 46 -12.21 -33.69 6.11
N ASP B 47 -11.08 -34.39 6.04
CA ASP B 47 -10.27 -34.38 4.82
C ASP B 47 -10.53 -35.61 3.98
N LEU B 48 -10.57 -35.41 2.67
CA LEU B 48 -10.78 -36.52 1.75
C LEU B 48 -9.50 -37.32 1.65
N ALA B 49 -9.62 -38.65 1.57
CA ALA B 49 -8.45 -39.50 1.42
C ALA B 49 -8.35 -39.81 -0.08
N PHE B 50 -7.26 -39.39 -0.71
CA PHE B 50 -7.10 -39.63 -2.15
C PHE B 50 -6.28 -40.87 -2.45
N VAL B 51 -6.86 -41.75 -3.26
CA VAL B 51 -6.18 -43.00 -3.63
C VAL B 51 -5.12 -42.68 -4.69
N ASP B 52 -3.89 -43.10 -4.43
CA ASP B 52 -2.82 -42.86 -5.38
C ASP B 52 -2.83 -43.86 -6.50
N VAL B 53 -2.83 -43.36 -7.74
CA VAL B 53 -2.84 -44.22 -8.92
C VAL B 53 -1.42 -44.69 -9.24
N PRO B 54 -1.14 -45.97 -9.02
CA PRO B 54 0.19 -46.52 -9.30
C PRO B 54 0.51 -46.49 -10.80
N ASN B 55 1.80 -46.31 -11.11
CA ASN B 55 2.24 -46.27 -12.50
C ASN B 55 1.59 -45.14 -13.28
N ASP B 56 1.51 -43.97 -12.67
CA ASP B 56 0.89 -42.81 -13.30
C ASP B 56 1.92 -42.15 -14.24
N SER B 57 2.10 -42.72 -15.43
CA SER B 57 3.05 -42.18 -16.40
C SER B 57 2.54 -40.84 -16.94
N PRO B 58 3.45 -39.90 -17.20
CA PRO B 58 3.04 -38.60 -17.71
C PRO B 58 2.44 -38.68 -19.12
N PHE B 59 1.42 -37.86 -19.36
CA PHE B 59 0.76 -37.80 -20.66
C PHE B 59 1.45 -36.68 -21.42
N GLN B 60 2.45 -37.05 -22.23
CA GLN B 60 3.21 -36.07 -23.00
C GLN B 60 4.00 -35.27 -21.97
N ILE B 61 3.59 -34.04 -21.69
CA ILE B 61 4.29 -33.23 -20.69
C ILE B 61 3.60 -33.28 -19.33
N VAL B 62 2.29 -33.43 -19.38
CA VAL B 62 1.42 -33.48 -18.21
C VAL B 62 1.78 -34.54 -17.19
N LYS B 63 2.10 -34.07 -15.98
CA LYS B 63 2.48 -34.95 -14.88
C LYS B 63 1.32 -35.38 -13.99
N ASN B 64 1.41 -36.61 -13.49
CA ASN B 64 0.39 -37.22 -12.63
C ASN B 64 -1.05 -37.01 -13.10
N PRO B 65 -1.31 -37.15 -14.40
CA PRO B 65 -2.69 -36.95 -14.89
C PRO B 65 -3.78 -37.79 -14.20
N ARG B 66 -3.57 -39.10 -14.09
CA ARG B 66 -4.57 -39.96 -13.48
C ARG B 66 -4.82 -39.67 -11.98
N SER B 67 -3.74 -39.43 -11.23
CA SER B 67 -3.88 -39.14 -9.81
C SER B 67 -4.65 -37.83 -9.61
N VAL B 68 -4.33 -36.84 -10.42
CA VAL B 68 -5.01 -35.55 -10.33
C VAL B 68 -6.47 -35.69 -10.78
N GLY B 69 -6.67 -36.38 -11.89
CA GLY B 69 -8.01 -36.59 -12.43
C GLY B 69 -8.92 -37.36 -11.47
N LYS B 70 -8.37 -38.38 -10.81
CA LYS B 70 -9.17 -39.19 -9.89
C LYS B 70 -9.50 -38.41 -8.60
N ALA B 71 -8.50 -37.72 -8.05
CA ALA B 71 -8.73 -36.95 -6.82
C ALA B 71 -9.81 -35.90 -7.07
N ASN B 72 -9.84 -35.37 -8.26
CA ASN B 72 -10.82 -34.36 -8.63
C ASN B 72 -12.22 -34.94 -8.88
N GLU B 73 -12.28 -36.16 -9.39
CA GLU B 73 -13.55 -36.82 -9.64
C GLU B 73 -14.19 -37.06 -8.27
N GLN B 74 -13.37 -37.51 -7.33
CA GLN B 74 -13.84 -37.77 -5.98
C GLN B 74 -14.30 -36.48 -5.29
N LEU B 75 -13.52 -35.40 -5.43
CA LEU B 75 -13.90 -34.12 -4.83
C LEU B 75 -15.19 -33.58 -5.44
N ALA B 76 -15.36 -33.74 -6.76
CA ALA B 76 -16.58 -33.27 -7.43
C ALA B 76 -17.80 -34.00 -6.89
N ALA B 77 -17.66 -35.29 -6.60
CA ALA B 77 -18.79 -36.05 -6.06
C ALA B 77 -19.19 -35.47 -4.71
N VAL B 78 -18.20 -35.28 -3.84
CA VAL B 78 -18.46 -34.75 -2.50
C VAL B 78 -19.13 -33.37 -2.56
N VAL B 79 -18.56 -32.46 -3.35
CA VAL B 79 -19.12 -31.12 -3.47
C VAL B 79 -20.54 -31.12 -4.05
N ALA B 80 -20.77 -31.93 -5.08
CA ALA B 80 -22.11 -32.01 -5.68
C ALA B 80 -23.09 -32.42 -4.60
N GLU B 81 -22.64 -33.34 -3.73
CA GLU B 81 -23.45 -33.86 -2.64
C GLU B 81 -23.85 -32.75 -1.64
N THR B 82 -22.85 -32.02 -1.10
CA THR B 82 -23.19 -30.98 -0.13
C THR B 82 -24.02 -29.87 -0.79
N GLN B 83 -23.69 -29.50 -2.03
CA GLN B 83 -24.45 -28.46 -2.74
C GLN B 83 -25.91 -28.85 -2.90
N LYS B 84 -26.13 -30.13 -3.17
CA LYS B 84 -27.47 -30.66 -3.34
C LYS B 84 -28.35 -30.42 -2.13
N ASN B 85 -27.78 -30.62 -0.95
CA ASN B 85 -28.52 -30.43 0.29
C ASN B 85 -28.69 -28.94 0.63
N GLY B 86 -28.25 -28.08 -0.28
CA GLY B 86 -28.37 -26.65 -0.08
C GLY B 86 -27.39 -25.99 0.89
N THR B 87 -26.18 -26.55 1.01
CA THR B 87 -25.20 -25.97 1.91
C THR B 87 -24.08 -25.30 1.10
N ILE B 88 -23.34 -24.41 1.74
CA ILE B 88 -22.25 -23.72 1.07
C ILE B 88 -20.98 -24.52 1.24
N SER B 89 -20.36 -24.91 0.14
CA SER B 89 -19.11 -25.68 0.21
C SER B 89 -17.88 -24.79 0.31
N VAL B 90 -16.95 -25.19 1.19
CA VAL B 90 -15.70 -24.48 1.40
C VAL B 90 -14.59 -25.52 1.28
N VAL B 91 -13.82 -25.42 0.20
CA VAL B 91 -12.74 -26.37 -0.03
C VAL B 91 -11.42 -25.77 0.41
N LEU B 92 -10.72 -26.53 1.27
CA LEU B 92 -9.44 -26.10 1.78
C LEU B 92 -8.44 -26.81 1.01
N GLY B 93 -7.77 -25.95 0.34
CA GLY B 93 -6.79 -26.45 -0.52
C GLY B 93 -5.42 -27.01 -0.12
N GLY B 94 -4.97 -27.64 -1.20
CA GLY B 94 -3.66 -28.18 -1.38
C GLY B 94 -3.59 -27.30 -2.65
N ASP B 95 -3.12 -27.82 -3.77
CA ASP B 95 -2.97 -26.97 -4.94
C ASP B 95 -4.21 -26.63 -5.75
N HIS B 96 -4.10 -25.59 -6.56
CA HIS B 96 -5.24 -25.12 -7.32
C HIS B 96 -5.86 -26.07 -8.37
N SER B 97 -5.23 -27.20 -8.67
CA SER B 97 -5.86 -28.11 -9.63
C SER B 97 -7.19 -28.63 -9.03
N MET B 98 -7.30 -28.64 -7.70
CA MET B 98 -8.53 -29.11 -7.06
C MET B 98 -9.77 -28.26 -7.37
N ALA B 99 -9.56 -27.15 -8.06
CA ALA B 99 -10.66 -26.28 -8.44
C ALA B 99 -11.47 -27.00 -9.53
N ILE B 100 -10.82 -27.93 -10.24
CA ILE B 100 -11.51 -28.68 -11.29
C ILE B 100 -12.70 -29.44 -10.67
N GLY B 101 -12.42 -30.25 -9.65
CA GLY B 101 -13.47 -30.98 -8.97
C GLY B 101 -14.42 -30.09 -8.17
N SER B 102 -13.89 -29.07 -7.51
CA SER B 102 -14.71 -28.16 -6.71
C SER B 102 -15.76 -27.43 -7.56
N ILE B 103 -15.31 -26.82 -8.66
CA ILE B 103 -16.23 -26.10 -9.55
C ILE B 103 -17.15 -27.06 -10.35
N SER B 104 -16.62 -28.22 -10.76
CA SER B 104 -17.41 -29.21 -11.50
C SER B 104 -18.59 -29.70 -10.65
N GLY B 105 -18.32 -30.09 -9.41
CA GLY B 105 -19.36 -30.57 -8.53
C GLY B 105 -20.36 -29.46 -8.24
N HIS B 106 -19.85 -28.26 -8.03
CA HIS B 106 -20.72 -27.12 -7.75
C HIS B 106 -21.67 -26.84 -8.92
N ALA B 107 -21.13 -26.91 -10.14
CA ALA B 107 -21.93 -26.65 -11.33
C ALA B 107 -23.00 -27.71 -11.62
N ARG B 108 -22.84 -28.91 -11.08
CA ARG B 108 -23.83 -29.97 -11.32
C ARG B 108 -25.14 -29.59 -10.66
N VAL B 109 -25.05 -28.85 -9.55
CA VAL B 109 -26.24 -28.41 -8.82
C VAL B 109 -26.65 -26.99 -9.23
N HIS B 110 -25.65 -26.16 -9.48
CA HIS B 110 -25.91 -24.79 -9.92
C HIS B 110 -25.25 -24.53 -11.25
N PRO B 111 -25.85 -25.04 -12.35
CA PRO B 111 -25.31 -24.86 -13.67
C PRO B 111 -25.11 -23.39 -14.12
N ASP B 112 -25.88 -22.47 -13.54
CA ASP B 112 -25.78 -21.07 -13.93
C ASP B 112 -24.80 -20.23 -13.09
N LEU B 113 -23.93 -20.89 -12.31
CA LEU B 113 -22.99 -20.16 -11.49
C LEU B 113 -21.95 -19.36 -12.27
N ALA B 114 -21.37 -18.40 -11.56
CA ALA B 114 -20.32 -17.54 -12.14
C ALA B 114 -19.10 -17.69 -11.26
N VAL B 115 -17.92 -17.54 -11.85
CA VAL B 115 -16.69 -17.71 -11.10
C VAL B 115 -15.87 -16.43 -10.96
N ILE B 116 -15.42 -16.15 -9.74
CA ILE B 116 -14.52 -15.02 -9.48
C ILE B 116 -13.23 -15.68 -9.06
N TRP B 117 -12.22 -15.59 -9.93
CA TRP B 117 -10.92 -16.20 -9.72
C TRP B 117 -9.88 -15.17 -9.25
N VAL B 118 -9.46 -15.27 -7.98
CA VAL B 118 -8.47 -14.33 -7.45
C VAL B 118 -7.14 -15.05 -7.42
N ASP B 119 -6.23 -14.59 -8.26
CA ASP B 119 -4.97 -15.28 -8.42
C ASP B 119 -4.00 -14.34 -9.14
N ALA B 120 -2.70 -14.60 -8.99
CA ALA B 120 -1.71 -13.80 -9.69
C ALA B 120 -1.59 -14.41 -11.08
N HIS B 121 -2.12 -15.62 -11.22
CA HIS B 121 -2.07 -16.40 -12.46
C HIS B 121 -3.45 -16.71 -13.07
N THR B 122 -3.49 -16.96 -14.37
CA THR B 122 -4.75 -17.30 -15.01
C THR B 122 -5.02 -18.78 -14.89
N ASP B 123 -3.98 -19.56 -14.66
CA ASP B 123 -4.10 -21.03 -14.56
C ASP B 123 -4.92 -21.62 -15.70
N ILE B 124 -4.70 -21.10 -16.90
CA ILE B 124 -5.48 -21.56 -18.04
C ILE B 124 -4.66 -22.20 -19.15
N ASN B 125 -3.48 -22.68 -18.80
CA ASN B 125 -2.62 -23.37 -19.75
C ASN B 125 -3.31 -24.68 -20.13
N THR B 126 -3.23 -25.04 -21.40
CA THR B 126 -3.83 -26.29 -21.85
C THR B 126 -2.67 -27.28 -21.80
N PRO B 127 -2.98 -28.58 -21.95
CA PRO B 127 -1.93 -29.59 -21.93
C PRO B 127 -0.90 -29.36 -23.04
N LEU B 128 -1.30 -28.61 -24.07
CA LEU B 128 -0.41 -28.34 -25.19
C LEU B 128 0.43 -27.08 -24.98
N THR B 129 -0.07 -26.11 -24.22
CA THR B 129 0.69 -24.89 -23.99
C THR B 129 1.57 -24.83 -22.74
N THR B 130 1.38 -25.74 -21.79
CA THR B 130 2.24 -25.72 -20.59
C THR B 130 3.73 -25.90 -20.88
N SER B 131 4.57 -25.17 -20.14
CA SER B 131 6.02 -25.25 -20.29
C SER B 131 6.48 -26.34 -19.32
N SER B 132 5.61 -26.58 -18.33
CA SER B 132 5.83 -27.60 -17.31
C SER B 132 4.56 -28.45 -17.39
N GLY B 133 4.61 -29.71 -16.99
CA GLY B 133 3.38 -30.47 -17.08
C GLY B 133 2.47 -30.28 -15.88
N ASN B 134 2.77 -29.27 -15.06
CA ASN B 134 2.00 -29.03 -13.85
C ASN B 134 0.52 -28.64 -14.03
N LEU B 135 -0.35 -29.47 -13.47
CA LEU B 135 -1.79 -29.26 -13.58
C LEU B 135 -2.41 -28.14 -12.75
N ALA B 136 -1.69 -27.66 -11.74
CA ALA B 136 -2.19 -26.57 -10.92
C ALA B 136 -2.26 -25.31 -11.76
N GLY B 137 -1.56 -25.30 -12.89
CA GLY B 137 -1.57 -24.14 -13.76
C GLY B 137 -2.49 -24.34 -14.98
N GLN B 138 -3.32 -25.38 -14.90
CA GLN B 138 -4.27 -25.69 -15.99
C GLN B 138 -5.78 -25.91 -15.64
N PRO B 139 -6.18 -25.71 -14.38
CA PRO B 139 -7.59 -25.91 -13.98
C PRO B 139 -8.68 -25.35 -14.92
N VAL B 140 -8.60 -24.05 -15.20
CA VAL B 140 -9.57 -23.38 -16.06
C VAL B 140 -9.64 -23.95 -17.48
N ALA B 141 -8.54 -24.47 -17.99
CA ALA B 141 -8.56 -25.03 -19.34
C ALA B 141 -9.57 -26.18 -19.41
N PHE B 142 -9.61 -27.01 -18.37
CA PHE B 142 -10.51 -28.14 -18.30
C PHE B 142 -11.98 -27.78 -18.06
N LEU B 143 -12.22 -26.59 -17.51
CA LEU B 143 -13.58 -26.12 -17.21
C LEU B 143 -14.28 -25.27 -18.27
N LEU B 144 -13.51 -24.68 -19.18
CA LEU B 144 -14.12 -23.83 -20.20
C LEU B 144 -14.72 -24.59 -21.35
N LYS B 145 -15.93 -24.21 -21.72
CA LYS B 145 -16.66 -24.81 -22.82
C LYS B 145 -15.94 -24.48 -24.13
N GLU B 146 -15.49 -23.23 -24.26
CA GLU B 146 -14.81 -22.76 -25.46
C GLU B 146 -13.45 -23.42 -25.73
N LEU B 147 -12.98 -24.19 -24.77
CA LEU B 147 -11.68 -24.84 -24.91
C LEU B 147 -11.82 -26.35 -25.11
N LYS B 148 -13.06 -26.80 -25.30
CA LYS B 148 -13.38 -28.21 -25.54
C LYS B 148 -12.85 -28.68 -26.89
N GLY B 149 -12.07 -29.75 -26.88
CA GLY B 149 -11.53 -30.28 -28.13
C GLY B 149 -10.36 -29.52 -28.72
N LYS B 150 -9.86 -28.53 -27.97
CA LYS B 150 -8.72 -27.75 -28.42
C LYS B 150 -7.44 -28.38 -27.88
N PHE B 151 -7.58 -29.44 -27.09
CA PHE B 151 -6.45 -30.17 -26.56
C PHE B 151 -6.83 -31.63 -26.40
N PRO B 152 -5.87 -32.54 -26.59
CA PRO B 152 -6.12 -33.98 -26.47
C PRO B 152 -6.72 -34.39 -25.12
N ASP B 153 -7.55 -35.43 -25.12
CA ASP B 153 -8.15 -35.89 -23.87
C ASP B 153 -7.04 -36.46 -22.99
N VAL B 154 -7.07 -36.08 -21.71
CA VAL B 154 -6.06 -36.52 -20.75
C VAL B 154 -6.52 -37.68 -19.89
N PRO B 155 -5.62 -38.66 -19.66
CA PRO B 155 -5.95 -39.84 -18.84
C PRO B 155 -6.44 -39.43 -17.44
N GLY B 156 -7.67 -39.84 -17.10
CA GLY B 156 -8.22 -39.52 -15.79
C GLY B 156 -9.20 -38.37 -15.75
N PHE B 157 -9.38 -37.68 -16.87
CA PHE B 157 -10.28 -36.54 -16.92
C PHE B 157 -11.48 -36.69 -17.84
N SER B 158 -11.80 -37.91 -18.25
CA SER B 158 -12.93 -38.10 -19.17
C SER B 158 -14.28 -37.80 -18.51
N TRP B 159 -14.32 -37.83 -17.19
CA TRP B 159 -15.55 -37.56 -16.43
C TRP B 159 -15.89 -36.07 -16.40
N VAL B 160 -14.90 -35.25 -16.67
CA VAL B 160 -15.08 -33.81 -16.66
C VAL B 160 -15.92 -33.30 -17.82
N THR B 161 -16.84 -32.40 -17.51
CA THR B 161 -17.71 -31.80 -18.51
C THR B 161 -17.56 -30.30 -18.37
N PRO B 162 -17.05 -29.63 -19.41
CA PRO B 162 -16.88 -28.17 -19.36
C PRO B 162 -18.20 -27.58 -18.91
N ALA B 163 -18.18 -26.95 -17.75
CA ALA B 163 -19.40 -26.39 -17.18
C ALA B 163 -19.64 -24.88 -17.36
N ILE B 164 -18.55 -24.11 -17.37
CA ILE B 164 -18.74 -22.67 -17.57
C ILE B 164 -18.10 -22.12 -18.86
N SER B 165 -18.67 -21.02 -19.34
CA SER B 165 -18.18 -20.40 -20.56
C SER B 165 -17.34 -19.19 -20.22
N ALA B 166 -16.68 -18.65 -21.23
CA ALA B 166 -15.82 -17.49 -21.06
C ALA B 166 -16.56 -16.30 -20.46
N LYS B 167 -17.88 -16.23 -20.66
CA LYS B 167 -18.67 -15.13 -20.13
C LYS B 167 -18.96 -15.23 -18.62
N ASP B 168 -18.70 -16.39 -18.04
CA ASP B 168 -19.00 -16.58 -16.62
C ASP B 168 -17.82 -16.50 -15.67
N ILE B 169 -16.66 -16.06 -16.15
CA ILE B 169 -15.53 -15.97 -15.24
C ILE B 169 -14.87 -14.59 -15.26
N VAL B 170 -14.41 -14.17 -14.09
CA VAL B 170 -13.70 -12.90 -13.95
C VAL B 170 -12.44 -13.11 -13.11
N TYR B 171 -11.32 -12.69 -13.65
CA TYR B 171 -10.06 -12.82 -12.96
C TYR B 171 -9.76 -11.53 -12.22
N ILE B 172 -9.12 -11.64 -11.07
CA ILE B 172 -8.70 -10.45 -10.33
C ILE B 172 -7.31 -10.71 -9.72
N GLY B 173 -6.37 -9.79 -9.98
CA GLY B 173 -5.03 -9.90 -9.42
C GLY B 173 -3.91 -10.37 -10.35
N LEU B 174 -4.25 -10.66 -11.61
CA LEU B 174 -3.29 -11.12 -12.61
C LEU B 174 -2.01 -10.29 -12.74
N ARG B 175 -0.87 -10.98 -12.74
CA ARG B 175 0.43 -10.31 -12.88
C ARG B 175 1.55 -11.26 -13.37
N ASP B 176 1.18 -12.52 -13.62
CA ASP B 176 2.15 -13.51 -14.11
C ASP B 176 1.46 -14.44 -15.11
N VAL B 177 1.29 -13.95 -16.34
CA VAL B 177 0.60 -14.71 -17.39
C VAL B 177 1.54 -15.14 -18.53
N ASP B 178 1.57 -16.43 -18.82
CA ASP B 178 2.41 -16.93 -19.91
C ASP B 178 1.89 -16.39 -21.24
N PRO B 179 2.73 -16.38 -22.28
CA PRO B 179 2.31 -15.90 -23.60
C PRO B 179 1.08 -16.67 -24.13
N GLY B 180 1.09 -17.99 -24.01
CA GLY B 180 -0.04 -18.79 -24.46
C GLY B 180 -1.35 -18.45 -23.72
N GLU B 181 -1.27 -18.34 -22.40
CA GLU B 181 -2.47 -18.04 -21.62
C GLU B 181 -2.99 -16.68 -22.01
N HIS B 182 -2.08 -15.74 -22.21
CA HIS B 182 -2.49 -14.41 -22.58
C HIS B 182 -3.23 -14.48 -23.91
N TYR B 183 -2.67 -15.25 -24.85
CA TYR B 183 -3.30 -15.40 -26.14
C TYR B 183 -4.74 -15.89 -25.96
N ILE B 184 -4.92 -16.90 -25.11
CA ILE B 184 -6.23 -17.49 -24.84
C ILE B 184 -7.26 -16.52 -24.26
N ILE B 185 -6.89 -15.83 -23.19
CA ILE B 185 -7.84 -14.89 -22.60
C ILE B 185 -8.21 -13.75 -23.53
N LYS B 186 -7.27 -13.31 -24.37
CA LYS B 186 -7.56 -12.23 -25.31
C LYS B 186 -8.49 -12.75 -26.42
N THR B 187 -8.14 -13.90 -26.97
CA THR B 187 -8.95 -14.51 -28.03
C THR B 187 -10.38 -14.85 -27.58
N LEU B 188 -10.53 -15.42 -26.39
CA LEU B 188 -11.86 -15.78 -25.88
C LEU B 188 -12.64 -14.62 -25.27
N GLY B 189 -12.00 -13.47 -25.10
CA GLY B 189 -12.70 -12.32 -24.54
C GLY B 189 -13.10 -12.44 -23.08
N ILE B 190 -12.24 -13.07 -22.29
CA ILE B 190 -12.47 -13.24 -20.86
C ILE B 190 -12.23 -11.95 -20.11
N LYS B 191 -13.16 -11.60 -19.24
CA LYS B 191 -13.06 -10.39 -18.44
C LYS B 191 -11.99 -10.58 -17.35
N TYR B 192 -11.11 -9.59 -17.19
CA TYR B 192 -10.08 -9.68 -16.16
C TYR B 192 -9.67 -8.30 -15.66
N PHE B 193 -9.14 -8.29 -14.44
CA PHE B 193 -8.61 -7.08 -13.84
C PHE B 193 -7.21 -7.47 -13.36
N SER B 194 -6.19 -7.16 -14.15
CA SER B 194 -4.82 -7.47 -13.78
C SER B 194 -4.46 -6.41 -12.76
N MET B 195 -3.27 -6.51 -12.17
CA MET B 195 -2.86 -5.52 -11.20
C MET B 195 -2.91 -4.13 -11.82
N THR B 196 -2.73 -4.00 -13.14
CA THR B 196 -2.78 -2.65 -13.71
C THR B 196 -4.18 -2.04 -13.69
N GLU B 197 -5.22 -2.84 -13.85
CA GLU B 197 -6.59 -2.32 -13.77
C GLU B 197 -6.93 -1.99 -12.29
N VAL B 198 -6.39 -2.77 -11.36
CA VAL B 198 -6.64 -2.53 -9.94
C VAL B 198 -5.97 -1.21 -9.59
N ASP B 199 -4.75 -1.01 -10.07
CA ASP B 199 -4.02 0.24 -9.82
C ASP B 199 -4.80 1.44 -10.41
N LYS B 200 -5.24 1.28 -11.64
CA LYS B 200 -5.97 2.35 -12.34
C LYS B 200 -7.31 2.71 -11.71
N LEU B 201 -8.09 1.68 -11.42
CA LEU B 201 -9.42 1.84 -10.90
C LEU B 201 -9.65 1.86 -9.40
N GLY B 202 -8.80 1.17 -8.67
CA GLY B 202 -9.00 1.09 -7.23
C GLY B 202 -9.85 -0.16 -7.02
N ILE B 203 -9.59 -0.90 -5.97
CA ILE B 203 -10.36 -2.11 -5.73
C ILE B 203 -11.87 -1.88 -5.60
N GLY B 204 -12.29 -0.72 -5.09
CA GLY B 204 -13.71 -0.45 -4.97
C GLY B 204 -14.44 -0.50 -6.32
N LYS B 205 -13.90 0.19 -7.32
CA LYS B 205 -14.51 0.21 -8.66
C LYS B 205 -14.33 -1.13 -9.36
N VAL B 206 -13.25 -1.85 -9.06
CA VAL B 206 -13.03 -3.16 -9.66
C VAL B 206 -14.17 -4.10 -9.27
N MET B 207 -14.54 -4.09 -7.99
CA MET B 207 -15.63 -4.97 -7.57
C MET B 207 -17.00 -4.59 -8.15
N GLU B 208 -17.20 -3.29 -8.29
CA GLU B 208 -18.43 -2.76 -8.84
C GLU B 208 -18.59 -3.33 -10.24
N GLU B 209 -17.51 -3.26 -11.01
CA GLU B 209 -17.57 -3.73 -12.39
C GLU B 209 -17.64 -5.22 -12.55
N THR B 210 -17.00 -5.99 -11.67
CA THR B 210 -17.10 -7.43 -11.84
C THR B 210 -18.54 -7.86 -11.50
N PHE B 211 -19.19 -7.17 -10.56
CA PHE B 211 -20.57 -7.52 -10.24
C PHE B 211 -21.51 -7.13 -11.37
N SER B 212 -21.37 -5.93 -11.93
CA SER B 212 -22.27 -5.52 -13.00
C SER B 212 -22.05 -6.39 -14.25
N TYR B 213 -20.84 -6.94 -14.39
CA TYR B 213 -20.52 -7.81 -15.51
C TYR B 213 -21.11 -9.21 -15.35
N LEU B 214 -20.95 -9.80 -14.17
CA LEU B 214 -21.45 -11.14 -13.90
C LEU B 214 -22.90 -11.24 -13.41
N LEU B 215 -23.38 -10.22 -12.71
CA LEU B 215 -24.75 -10.25 -12.17
C LEU B 215 -25.72 -9.21 -12.75
N GLY B 216 -25.23 -8.41 -13.69
CA GLY B 216 -26.04 -7.38 -14.29
C GLY B 216 -27.37 -7.84 -14.86
N ARG B 217 -27.35 -8.96 -15.56
CA ARG B 217 -28.56 -9.52 -16.16
C ARG B 217 -29.32 -10.45 -15.24
N LYS B 218 -28.63 -11.48 -14.75
CA LYS B 218 -29.27 -12.45 -13.86
C LYS B 218 -28.47 -12.60 -12.59
N LYS B 219 -29.17 -12.72 -11.47
CA LYS B 219 -28.50 -12.94 -10.21
C LYS B 219 -28.31 -14.45 -10.20
N ARG B 220 -27.10 -14.91 -9.94
CA ARG B 220 -26.81 -16.33 -9.91
C ARG B 220 -25.80 -16.64 -8.82
N PRO B 221 -25.66 -17.93 -8.44
CA PRO B 221 -24.71 -18.34 -7.40
C PRO B 221 -23.29 -17.95 -7.80
N ILE B 222 -22.50 -17.57 -6.80
CA ILE B 222 -21.12 -17.20 -7.03
C ILE B 222 -20.16 -18.24 -6.46
N HIS B 223 -19.14 -18.57 -7.24
CA HIS B 223 -18.12 -19.50 -6.77
C HIS B 223 -16.86 -18.65 -6.72
N LEU B 224 -16.29 -18.51 -5.53
CA LEU B 224 -15.06 -17.76 -5.39
C LEU B 224 -13.90 -18.72 -5.22
N SER B 225 -12.98 -18.75 -6.17
CA SER B 225 -11.82 -19.63 -6.07
C SER B 225 -10.70 -18.68 -5.74
N PHE B 226 -10.16 -18.79 -4.52
CA PHE B 226 -9.12 -17.86 -4.06
C PHE B 226 -7.73 -18.47 -3.89
N ASP B 227 -6.82 -18.13 -4.80
CA ASP B 227 -5.45 -18.62 -4.72
C ASP B 227 -4.73 -17.60 -3.84
N VAL B 228 -4.17 -18.08 -2.76
CA VAL B 228 -3.51 -17.20 -1.83
C VAL B 228 -2.36 -16.36 -2.43
N ASP B 229 -1.74 -16.81 -3.52
CA ASP B 229 -0.67 -16.01 -4.13
C ASP B 229 -1.24 -14.81 -4.88
N GLY B 230 -2.56 -14.63 -4.80
CA GLY B 230 -3.17 -13.48 -5.43
C GLY B 230 -2.74 -12.25 -4.64
N LEU B 231 -2.50 -12.46 -3.36
CA LEU B 231 -2.06 -11.36 -2.52
C LEU B 231 -0.54 -11.31 -2.60
N ASP B 232 0.01 -10.13 -2.33
CA ASP B 232 1.44 -9.91 -2.34
C ASP B 232 2.16 -10.83 -1.34
N PRO B 233 3.35 -11.35 -1.71
CA PRO B 233 4.19 -12.24 -0.90
C PRO B 233 4.47 -11.74 0.52
N VAL B 234 4.27 -10.44 0.73
CA VAL B 234 4.50 -9.83 2.02
C VAL B 234 3.41 -10.26 2.98
N PHE B 235 2.27 -10.65 2.44
CA PHE B 235 1.13 -11.08 3.26
C PHE B 235 0.94 -12.59 3.22
N THR B 236 1.21 -13.18 2.07
CA THR B 236 1.05 -14.63 1.93
C THR B 236 2.32 -15.25 1.34
N PRO B 237 3.45 -15.13 2.06
CA PRO B 237 4.72 -15.69 1.57
C PRO B 237 4.77 -17.22 1.42
N ALA B 238 4.04 -17.94 2.27
CA ALA B 238 4.06 -19.40 2.20
C ALA B 238 3.19 -20.03 1.09
N THR B 239 3.62 -19.85 -0.16
CA THR B 239 2.94 -20.38 -1.35
C THR B 239 3.99 -20.83 -2.34
N GLY B 240 3.60 -21.67 -3.29
CA GLY B 240 4.53 -22.19 -4.28
C GLY B 240 5.01 -21.24 -5.35
N THR B 241 4.15 -20.30 -5.76
CA THR B 241 4.52 -19.36 -6.82
C THR B 241 4.22 -17.92 -6.47
N PRO B 242 4.98 -17.34 -5.53
CA PRO B 242 4.77 -15.94 -5.13
C PRO B 242 5.23 -14.97 -6.24
N VAL B 243 4.48 -13.89 -6.45
CA VAL B 243 4.82 -12.89 -7.47
C VAL B 243 4.71 -11.50 -6.84
N VAL B 244 5.77 -10.71 -6.89
CA VAL B 244 5.71 -9.40 -6.26
C VAL B 244 4.70 -8.44 -6.91
N GLY B 245 4.29 -7.43 -6.15
CA GLY B 245 3.34 -6.46 -6.65
C GLY B 245 1.90 -6.93 -6.66
N GLY B 246 1.49 -7.70 -5.65
CA GLY B 246 0.12 -8.19 -5.63
C GLY B 246 -0.89 -7.38 -4.84
N LEU B 247 -2.05 -8.00 -4.60
CA LEU B 247 -3.13 -7.40 -3.84
C LEU B 247 -2.67 -7.26 -2.40
N SER B 248 -3.15 -6.22 -1.73
CA SER B 248 -2.75 -6.04 -0.35
C SER B 248 -3.73 -6.82 0.53
N TYR B 249 -3.38 -6.92 1.80
CA TYR B 249 -4.24 -7.58 2.79
C TYR B 249 -5.59 -6.86 2.77
N ARG B 250 -5.55 -5.54 2.74
CA ARG B 250 -6.76 -4.71 2.73
C ARG B 250 -7.64 -4.99 1.50
N GLU B 251 -7.06 -5.02 0.31
CA GLU B 251 -7.82 -5.28 -0.92
C GLU B 251 -8.41 -6.70 -0.93
N GLY B 252 -7.67 -7.64 -0.37
CA GLY B 252 -8.17 -8.99 -0.32
C GLY B 252 -9.41 -9.05 0.57
N LEU B 253 -9.34 -8.40 1.73
CA LEU B 253 -10.47 -8.36 2.64
C LEU B 253 -11.61 -7.60 1.99
N TYR B 254 -11.29 -6.56 1.23
CA TYR B 254 -12.35 -5.78 0.59
C TYR B 254 -13.12 -6.68 -0.40
N ILE B 255 -12.38 -7.51 -1.12
CA ILE B 255 -12.99 -8.44 -2.10
C ILE B 255 -13.96 -9.40 -1.43
N THR B 256 -13.51 -10.01 -0.35
CA THR B 256 -14.37 -10.95 0.36
C THR B 256 -15.56 -10.28 1.02
N GLU B 257 -15.38 -9.06 1.56
CA GLU B 257 -16.48 -8.35 2.22
C GLU B 257 -17.60 -8.02 1.22
N GLU B 258 -17.21 -7.61 0.02
CA GLU B 258 -18.18 -7.26 -1.02
C GLU B 258 -18.91 -8.50 -1.51
N ILE B 259 -18.20 -9.62 -1.61
CA ILE B 259 -18.80 -10.85 -2.05
C ILE B 259 -19.79 -11.33 -1.00
N TYR B 260 -19.44 -11.17 0.27
CA TYR B 260 -20.35 -11.56 1.33
C TYR B 260 -21.64 -10.76 1.18
N LYS B 261 -21.50 -9.45 0.95
CA LYS B 261 -22.64 -8.54 0.81
C LYS B 261 -23.63 -8.82 -0.33
N THR B 262 -23.21 -9.56 -1.35
CA THR B 262 -24.08 -9.91 -2.48
C THR B 262 -25.12 -10.91 -2.02
N GLY B 263 -24.78 -11.68 -0.99
CA GLY B 263 -25.70 -12.70 -0.47
C GLY B 263 -25.77 -13.91 -1.39
N LEU B 264 -24.89 -13.92 -2.39
CA LEU B 264 -24.86 -14.99 -3.38
C LEU B 264 -23.70 -15.96 -3.34
N LEU B 265 -22.79 -15.83 -2.37
CA LEU B 265 -21.66 -16.76 -2.28
C LEU B 265 -22.23 -18.17 -2.10
N SER B 266 -21.79 -19.09 -2.94
CA SER B 266 -22.30 -20.46 -2.93
C SER B 266 -21.18 -21.50 -2.77
N GLY B 267 -20.01 -21.18 -3.28
CA GLY B 267 -18.86 -22.09 -3.19
C GLY B 267 -17.59 -21.26 -3.00
N LEU B 268 -16.64 -21.78 -2.24
CA LEU B 268 -15.40 -21.07 -1.94
C LEU B 268 -14.22 -22.03 -1.93
N ASP B 269 -13.08 -21.59 -2.48
CA ASP B 269 -11.87 -22.39 -2.45
C ASP B 269 -10.80 -21.49 -1.83
N ILE B 270 -10.02 -22.05 -0.91
CA ILE B 270 -8.91 -21.34 -0.27
C ILE B 270 -7.74 -22.23 -0.62
N MET B 271 -7.06 -21.89 -1.73
CA MET B 271 -5.98 -22.70 -2.27
C MET B 271 -4.53 -22.20 -2.17
N GLU B 272 -3.62 -23.15 -2.36
CA GLU B 272 -2.19 -22.92 -2.40
C GLU B 272 -1.48 -22.47 -1.12
N VAL B 273 -2.05 -22.75 0.05
CA VAL B 273 -1.35 -22.44 1.29
C VAL B 273 -0.39 -23.60 1.51
N ASN B 274 0.92 -23.33 1.43
CA ASN B 274 1.93 -24.37 1.63
C ASN B 274 2.77 -24.03 2.87
N PRO B 275 2.49 -24.66 4.02
CA PRO B 275 3.17 -24.47 5.31
C PRO B 275 4.67 -24.75 5.33
N THR B 276 5.14 -25.58 4.42
CA THR B 276 6.55 -25.92 4.37
C THR B 276 7.42 -24.93 3.59
N LEU B 277 6.78 -23.94 2.98
CA LEU B 277 7.53 -22.95 2.22
C LEU B 277 7.80 -21.65 2.94
N GLY B 278 7.48 -21.61 4.23
CA GLY B 278 7.76 -20.40 4.97
C GLY B 278 9.21 -20.41 5.40
N LYS B 279 9.94 -19.31 5.16
CA LYS B 279 11.34 -19.22 5.55
C LYS B 279 11.52 -19.14 7.05
N THR B 280 10.48 -18.68 7.73
CA THR B 280 10.49 -18.59 9.17
C THR B 280 9.10 -18.97 9.63
N PRO B 281 8.97 -19.44 10.88
CA PRO B 281 7.63 -19.81 11.36
C PRO B 281 6.63 -18.67 11.20
N GLU B 282 7.09 -17.45 11.46
CA GLU B 282 6.24 -16.28 11.36
C GLU B 282 5.68 -16.14 9.94
N GLU B 283 6.45 -16.50 8.93
CA GLU B 283 5.95 -16.38 7.56
C GLU B 283 4.79 -17.34 7.31
N VAL B 284 4.85 -18.50 7.95
CA VAL B 284 3.76 -19.46 7.80
C VAL B 284 2.56 -18.94 8.57
N THR B 285 2.81 -18.44 9.78
CA THR B 285 1.76 -17.89 10.63
C THR B 285 1.05 -16.76 9.88
N ARG B 286 1.83 -15.89 9.26
CA ARG B 286 1.29 -14.75 8.52
C ARG B 286 0.36 -15.24 7.39
N THR B 287 0.83 -16.23 6.63
CA THR B 287 0.04 -16.76 5.53
C THR B 287 -1.26 -17.43 6.01
N VAL B 288 -1.16 -18.34 6.98
CA VAL B 288 -2.34 -19.02 7.51
C VAL B 288 -3.34 -18.02 8.07
N ASN B 289 -2.87 -17.07 8.90
CA ASN B 289 -3.75 -16.06 9.49
C ASN B 289 -4.55 -15.26 8.47
N THR B 290 -3.90 -14.83 7.38
CA THR B 290 -4.66 -14.05 6.41
C THR B 290 -5.61 -14.97 5.64
N ALA B 291 -5.27 -16.24 5.43
CA ALA B 291 -6.19 -17.15 4.75
C ALA B 291 -7.46 -17.31 5.60
N VAL B 292 -7.28 -17.46 6.91
CA VAL B 292 -8.40 -17.60 7.84
C VAL B 292 -9.26 -16.34 7.81
N ALA B 293 -8.60 -15.18 7.92
CA ALA B 293 -9.30 -13.88 7.88
C ALA B 293 -10.14 -13.71 6.60
N LEU B 294 -9.61 -14.13 5.46
CA LEU B 294 -10.34 -14.02 4.20
C LEU B 294 -11.58 -14.91 4.20
N THR B 295 -11.44 -16.12 4.77
CA THR B 295 -12.56 -17.05 4.86
C THR B 295 -13.66 -16.49 5.76
N LEU B 296 -13.29 -16.02 6.96
CA LEU B 296 -14.28 -15.46 7.89
C LEU B 296 -14.97 -14.25 7.26
N SER B 297 -14.21 -13.48 6.47
CA SER B 297 -14.76 -12.29 5.82
C SER B 297 -15.83 -12.69 4.81
N ALA B 298 -15.59 -13.77 4.08
CA ALA B 298 -16.57 -14.24 3.10
C ALA B 298 -17.88 -14.60 3.79
N PHE B 299 -17.82 -14.96 5.06
CA PHE B 299 -19.01 -15.32 5.82
C PHE B 299 -19.51 -14.31 6.84
N GLY B 300 -19.28 -13.03 6.55
CA GLY B 300 -19.80 -11.99 7.42
C GLY B 300 -18.94 -11.14 8.32
N THR B 301 -17.74 -11.59 8.68
CA THR B 301 -16.91 -10.79 9.55
C THR B 301 -16.52 -9.52 8.84
N LYS B 302 -16.89 -8.38 9.41
CA LYS B 302 -16.64 -7.06 8.86
C LYS B 302 -15.57 -6.33 9.69
N ARG B 303 -14.80 -5.47 9.03
CA ARG B 303 -13.78 -4.72 9.75
C ARG B 303 -14.38 -3.65 10.62
N GLU B 304 -15.57 -3.16 10.27
CA GLU B 304 -16.24 -2.12 11.06
C GLU B 304 -16.79 -2.71 12.34
N GLY B 305 -16.82 -4.05 12.37
CA GLY B 305 -17.29 -4.76 13.54
C GLY B 305 -18.58 -5.54 13.30
N ASN B 306 -18.97 -6.37 14.27
CA ASN B 306 -20.20 -7.16 14.18
C ASN B 306 -20.84 -7.23 15.56
N HIS B 307 -22.17 -7.26 15.62
CA HIS B 307 -22.87 -7.41 16.89
C HIS B 307 -24.05 -8.34 16.63
N LYS B 308 -24.35 -9.20 17.59
CA LYS B 308 -25.44 -10.15 17.43
C LYS B 308 -26.80 -9.45 17.49
N PRO B 309 -27.70 -9.79 16.56
CA PRO B 309 -29.04 -9.18 16.51
C PRO B 309 -29.87 -9.49 17.76
N GLU B 310 -30.75 -8.56 18.11
CA GLU B 310 -31.64 -8.71 19.26
C GLU B 310 -30.97 -8.65 20.63
N THR B 311 -29.65 -8.42 20.65
CA THR B 311 -28.95 -8.33 21.92
C THR B 311 -28.73 -6.89 22.27
N ASP B 312 -29.41 -6.40 23.30
CA ASP B 312 -29.22 -5.01 23.73
C ASP B 312 -28.01 -5.01 24.64
N TYR B 313 -26.90 -4.52 24.10
CA TYR B 313 -25.67 -4.46 24.87
C TYR B 313 -25.64 -3.35 25.94
N LEU B 314 -26.73 -2.60 26.06
CA LEU B 314 -26.82 -1.53 27.05
C LEU B 314 -27.89 -1.88 28.10
N LYS C 1 -0.23 31.82 15.45
CA LYS C 1 -0.94 31.03 16.51
C LYS C 1 0.05 30.34 17.46
N PRO C 2 -0.37 30.06 18.69
CA PRO C 2 0.49 29.42 19.68
C PRO C 2 0.17 27.93 19.91
N ILE C 3 1.21 27.16 20.12
CA ILE C 3 1.09 25.73 20.38
C ILE C 3 1.63 25.46 21.77
N GLU C 4 0.95 24.60 22.52
CA GLU C 4 1.44 24.23 23.84
C GLU C 4 1.49 22.71 23.98
N ILE C 5 2.70 22.18 24.11
CA ILE C 5 2.89 20.75 24.28
C ILE C 5 2.68 20.39 25.74
N ILE C 6 1.88 19.36 25.96
CA ILE C 6 1.58 18.86 27.29
C ILE C 6 1.84 17.36 27.29
N GLY C 7 2.79 16.91 28.09
CA GLY C 7 3.07 15.50 28.14
C GLY C 7 2.21 14.82 29.18
N ALA C 8 1.64 13.68 28.80
CA ALA C 8 0.82 12.89 29.71
C ALA C 8 1.39 11.47 29.81
N PRO C 9 2.53 11.34 30.52
CA PRO C 9 3.20 10.05 30.72
C PRO C 9 2.39 9.16 31.67
N PHE C 10 1.28 8.62 31.15
CA PHE C 10 0.39 7.79 31.94
C PHE C 10 0.13 6.43 31.28
N SER C 11 0.05 5.37 32.08
CA SER C 11 -0.17 4.04 31.52
C SER C 11 -1.18 3.15 32.23
N LYS C 12 -1.77 3.60 33.33
CA LYS C 12 -2.74 2.78 34.06
C LYS C 12 -4.02 2.45 33.28
N GLY C 13 -4.19 3.05 32.10
CA GLY C 13 -5.37 2.77 31.31
C GLY C 13 -5.34 1.40 30.64
N CYS C 14 -4.17 0.77 30.70
CA CYS C 14 -3.98 -0.56 30.11
C CYS C 14 -2.89 -1.34 30.88
N PRO C 15 -2.83 -2.67 30.66
CA PRO C 15 -1.87 -3.56 31.33
C PRO C 15 -0.37 -3.50 30.93
N ARG C 16 -0.06 -3.00 29.74
CA ARG C 16 1.34 -2.95 29.28
C ARG C 16 2.08 -1.67 29.68
N GLY C 17 3.02 -1.80 30.61
CA GLY C 17 3.78 -0.64 31.02
C GLY C 17 4.62 -0.19 29.85
N GLY C 18 5.01 1.07 29.84
CA GLY C 18 5.82 1.55 28.75
C GLY C 18 5.32 2.80 28.04
N VAL C 19 4.00 2.92 27.87
CA VAL C 19 3.47 4.10 27.21
C VAL C 19 3.77 5.39 27.94
N GLU C 20 4.13 5.29 29.22
CA GLU C 20 4.44 6.50 29.96
C GLU C 20 5.73 7.11 29.41
N LYS C 21 6.56 6.27 28.80
CA LYS C 21 7.82 6.72 28.22
C LYS C 21 7.59 7.38 26.86
N GLY C 22 6.34 7.35 26.41
CA GLY C 22 6.00 7.93 25.12
C GLY C 22 6.44 9.37 24.93
N PRO C 23 6.05 10.29 25.82
CA PRO C 23 6.45 11.71 25.71
C PRO C 23 7.97 11.91 25.62
N ALA C 24 8.72 11.19 26.45
CA ALA C 24 10.16 11.31 26.44
C ALA C 24 10.75 10.89 25.08
N ALA C 25 10.26 9.79 24.53
CA ALA C 25 10.76 9.31 23.24
C ALA C 25 10.50 10.31 22.13
N LEU C 26 9.35 10.97 22.19
CA LEU C 26 8.98 11.95 21.18
C LEU C 26 9.78 13.23 21.30
N ARG C 27 10.08 13.65 22.53
CA ARG C 27 10.87 14.85 22.73
C ARG C 27 12.33 14.52 22.33
N LYS C 28 12.75 13.32 22.69
CA LYS C 28 14.10 12.85 22.39
C LYS C 28 14.37 12.92 20.89
N ALA C 29 13.32 12.67 20.11
CA ALA C 29 13.42 12.67 18.66
C ALA C 29 13.37 14.09 18.07
N GLY C 30 13.36 15.09 18.95
CA GLY C 30 13.35 16.48 18.49
C GLY C 30 12.01 17.09 18.10
N LEU C 31 10.93 16.52 18.59
CA LEU C 31 9.59 17.01 18.27
C LEU C 31 9.42 18.50 18.49
N VAL C 32 9.74 18.96 19.70
CA VAL C 32 9.61 20.35 20.05
C VAL C 32 10.47 21.28 19.17
N GLU C 33 11.74 20.93 18.99
CA GLU C 33 12.63 21.76 18.17
C GLU C 33 12.13 21.85 16.73
N LYS C 34 11.73 20.71 16.16
CA LYS C 34 11.25 20.67 14.79
C LYS C 34 9.97 21.49 14.64
N LEU C 35 9.15 21.55 15.68
CA LEU C 35 7.92 22.36 15.62
C LEU C 35 8.21 23.85 15.61
N LYS C 36 9.30 24.26 16.26
CA LYS C 36 9.67 25.68 16.28
C LYS C 36 10.08 26.18 14.90
N GLU C 37 10.44 25.25 14.01
CA GLU C 37 10.84 25.62 12.65
C GLU C 37 9.64 25.95 11.79
N THR C 38 8.46 25.65 12.31
CA THR C 38 7.21 25.94 11.59
C THR C 38 6.79 27.37 11.89
N GLU C 39 5.71 27.81 11.26
CA GLU C 39 5.20 29.17 11.42
C GLU C 39 4.50 29.41 12.76
N TYR C 40 4.50 28.39 13.62
CA TYR C 40 3.85 28.50 14.93
C TYR C 40 4.79 28.84 16.07
N ASN C 41 4.21 29.39 17.14
CA ASN C 41 4.95 29.73 18.35
C ASN C 41 4.75 28.52 19.25
N VAL C 42 5.84 27.92 19.70
CA VAL C 42 5.75 26.73 20.52
C VAL C 42 6.21 26.93 21.95
N ARG C 43 5.39 26.42 22.88
CA ARG C 43 5.72 26.47 24.29
C ARG C 43 5.52 25.07 24.86
N ASP C 44 6.58 24.53 25.47
CA ASP C 44 6.52 23.18 26.05
C ASP C 44 6.16 23.34 27.53
N HIS C 45 5.01 22.81 27.91
CA HIS C 45 4.52 22.89 29.28
C HIS C 45 5.17 21.81 30.18
N GLY C 46 5.95 20.92 29.57
CA GLY C 46 6.59 19.86 30.32
C GLY C 46 5.64 18.69 30.54
N ASP C 47 6.03 17.72 31.36
CA ASP C 47 5.18 16.57 31.62
C ASP C 47 4.43 16.72 32.94
N LEU C 48 3.17 16.31 32.95
CA LEU C 48 2.36 16.39 34.15
C LEU C 48 2.78 15.27 35.09
N ALA C 49 2.84 15.56 36.39
CA ALA C 49 3.19 14.54 37.37
C ALA C 49 1.85 14.03 37.91
N PHE C 50 1.58 12.75 37.72
CA PHE C 50 0.31 12.19 38.19
C PHE C 50 0.44 11.52 39.55
N VAL C 51 -0.39 11.93 40.51
CA VAL C 51 -0.37 11.37 41.84
C VAL C 51 -1.05 9.99 41.80
N ASP C 52 -0.37 8.99 42.33
CA ASP C 52 -0.94 7.65 42.34
C ASP C 52 -1.88 7.46 43.52
N VAL C 53 -3.08 7.00 43.22
CA VAL C 53 -4.09 6.77 44.24
C VAL C 53 -3.87 5.42 44.90
N PRO C 54 -3.43 5.42 46.16
CA PRO C 54 -3.17 4.16 46.87
C PRO C 54 -4.47 3.38 47.11
N ASN C 55 -4.35 2.06 47.13
CA ASN C 55 -5.50 1.19 47.37
C ASN C 55 -6.59 1.39 46.32
N ASP C 56 -6.18 1.47 45.06
CA ASP C 56 -7.11 1.68 43.97
C ASP C 56 -7.73 0.33 43.57
N SER C 57 -8.70 -0.14 44.34
CA SER C 57 -9.35 -1.43 44.05
C SER C 57 -10.17 -1.29 42.77
N PRO C 58 -10.25 -2.37 41.98
CA PRO C 58 -11.02 -2.35 40.75
C PRO C 58 -12.52 -2.22 40.98
N PHE C 59 -13.18 -1.48 40.10
CA PHE C 59 -14.63 -1.27 40.18
C PHE C 59 -15.25 -2.33 39.28
N GLN C 60 -15.63 -3.45 39.89
CA GLN C 60 -16.22 -4.57 39.15
C GLN C 60 -15.09 -5.13 38.27
N ILE C 61 -15.09 -4.82 36.99
CA ILE C 61 -14.02 -5.30 36.11
C ILE C 61 -12.99 -4.21 35.86
N VAL C 62 -13.45 -2.97 35.87
CA VAL C 62 -12.62 -1.79 35.63
C VAL C 62 -11.41 -1.65 36.55
N LYS C 63 -10.23 -1.63 35.94
CA LYS C 63 -8.97 -1.50 36.67
C LYS C 63 -8.49 -0.06 36.80
N ASN C 64 -7.83 0.21 37.92
CA ASN C 64 -7.29 1.53 38.28
C ASN C 64 -8.24 2.70 38.01
N PRO C 65 -9.53 2.56 38.34
CA PRO C 65 -10.48 3.65 38.09
C PRO C 65 -10.11 5.01 38.69
N ARG C 66 -9.75 5.05 39.96
CA ARG C 66 -9.42 6.30 40.61
C ARG C 66 -8.14 6.96 40.07
N SER C 67 -7.12 6.15 39.82
CA SER C 67 -5.87 6.69 39.31
C SER C 67 -6.07 7.29 37.89
N VAL C 68 -6.86 6.60 37.07
CA VAL C 68 -7.14 7.06 35.72
C VAL C 68 -8.03 8.29 35.78
N GLY C 69 -9.05 8.24 36.65
CA GLY C 69 -9.96 9.38 36.77
C GLY C 69 -9.28 10.62 37.28
N LYS C 70 -8.37 10.47 38.24
CA LYS C 70 -7.66 11.62 38.79
C LYS C 70 -6.67 12.22 37.79
N ALA C 71 -5.90 11.36 37.13
CA ALA C 71 -4.92 11.83 36.15
C ALA C 71 -5.63 12.63 35.04
N ASN C 72 -6.83 12.18 34.69
CA ASN C 72 -7.62 12.84 33.66
C ASN C 72 -8.26 14.16 34.14
N GLU C 73 -8.62 14.23 35.43
CA GLU C 73 -9.19 15.45 35.97
C GLU C 73 -8.08 16.53 35.89
N GLN C 74 -6.87 16.13 36.27
CA GLN C 74 -5.74 17.04 36.27
C GLN C 74 -5.41 17.48 34.83
N LEU C 75 -5.41 16.54 33.88
CA LEU C 75 -5.11 16.90 32.48
C LEU C 75 -6.19 17.84 31.91
N ALA C 76 -7.44 17.59 32.26
CA ALA C 76 -8.53 18.42 31.80
C ALA C 76 -8.34 19.85 32.28
N ALA C 77 -7.87 20.02 33.52
CA ALA C 77 -7.65 21.37 34.07
C ALA C 77 -6.60 22.10 33.24
N VAL C 78 -5.48 21.41 33.00
CA VAL C 78 -4.38 21.98 32.25
C VAL C 78 -4.80 22.37 30.83
N VAL C 79 -5.48 21.45 30.14
CA VAL C 79 -5.93 21.74 28.79
C VAL C 79 -6.93 22.89 28.73
N ALA C 80 -7.87 22.93 29.69
CA ALA C 80 -8.86 24.02 29.71
C ALA C 80 -8.12 25.34 29.82
N GLU C 81 -7.08 25.33 30.65
CA GLU C 81 -6.26 26.50 30.89
C GLU C 81 -5.58 27.01 29.62
N THR C 82 -4.85 26.14 28.91
CA THR C 82 -4.18 26.59 27.70
C THR C 82 -5.20 26.96 26.62
N GLN C 83 -6.31 26.25 26.53
CA GLN C 83 -7.34 26.56 25.53
C GLN C 83 -7.93 27.95 25.75
N LYS C 84 -8.10 28.28 27.03
CA LYS C 84 -8.66 29.56 27.43
C LYS C 84 -7.80 30.72 26.92
N ASN C 85 -6.49 30.55 26.98
CA ASN C 85 -5.57 31.59 26.52
C ASN C 85 -5.49 31.61 24.99
N GLY C 86 -6.33 30.80 24.35
CA GLY C 86 -6.35 30.76 22.90
C GLY C 86 -5.20 30.06 22.20
N THR C 87 -4.60 29.07 22.86
CA THR C 87 -3.50 28.34 22.22
C THR C 87 -3.97 26.95 21.84
N ILE C 88 -3.24 26.32 20.92
CA ILE C 88 -3.59 24.99 20.49
C ILE C 88 -2.90 23.97 21.38
N SER C 89 -3.68 23.09 22.02
CA SER C 89 -3.10 22.06 22.89
C SER C 89 -2.71 20.79 22.12
N VAL C 90 -1.54 20.26 22.47
CA VAL C 90 -1.00 19.05 21.87
C VAL C 90 -0.62 18.14 23.01
N VAL C 91 -1.39 17.08 23.18
CA VAL C 91 -1.13 16.11 24.23
C VAL C 91 -0.32 14.92 23.74
N LEU C 92 0.81 14.69 24.41
CA LEU C 92 1.65 13.56 24.04
C LEU C 92 1.36 12.47 24.98
N GLY C 93 0.84 11.49 24.32
CA GLY C 93 0.41 10.39 25.08
C GLY C 93 1.29 9.31 25.64
N GLY C 94 0.55 8.66 26.54
CA GLY C 94 0.80 7.44 27.27
C GLY C 94 -0.46 6.87 26.59
N ASP C 95 -1.29 6.13 27.30
CA ASP C 95 -2.43 5.51 26.68
C ASP C 95 -3.63 6.38 26.36
N HIS C 96 -4.46 5.85 25.48
CA HIS C 96 -5.62 6.61 25.01
C HIS C 96 -6.70 7.00 26.04
N SER C 97 -6.62 6.53 27.28
CA SER C 97 -7.63 6.94 28.27
C SER C 97 -7.45 8.44 28.55
N MET C 98 -6.26 8.97 28.25
CA MET C 98 -6.00 10.39 28.50
C MET C 98 -6.80 11.34 27.60
N ALA C 99 -7.51 10.76 26.63
CA ALA C 99 -8.33 11.54 25.72
C ALA C 99 -9.54 12.06 26.51
N ILE C 100 -9.86 11.39 27.61
CA ILE C 100 -11.00 11.80 28.44
C ILE C 100 -10.72 13.20 28.97
N GLY C 101 -9.56 13.38 29.59
CA GLY C 101 -9.18 14.68 30.11
C GLY C 101 -8.88 15.72 29.03
N SER C 102 -8.21 15.28 27.96
CA SER C 102 -7.86 16.16 26.86
C SER C 102 -9.09 16.77 26.17
N ILE C 103 -10.04 15.92 25.81
CA ILE C 103 -11.27 16.36 25.17
C ILE C 103 -12.20 17.11 26.12
N SER C 104 -12.26 16.67 27.37
CA SER C 104 -13.11 17.32 28.36
C SER C 104 -12.66 18.76 28.61
N GLY C 105 -11.35 18.95 28.81
CA GLY C 105 -10.84 20.28 29.05
C GLY C 105 -11.02 21.14 27.81
N HIS C 106 -10.81 20.55 26.65
CA HIS C 106 -10.95 21.29 25.40
C HIS C 106 -12.39 21.77 25.24
N ALA C 107 -13.34 20.89 25.53
CA ALA C 107 -14.76 21.20 25.38
C ALA C 107 -15.29 22.26 26.35
N ARG C 108 -14.59 22.49 27.47
CA ARG C 108 -15.02 23.49 28.43
C ARG C 108 -14.89 24.86 27.79
N VAL C 109 -13.89 25.04 26.93
CA VAL C 109 -13.64 26.31 26.27
C VAL C 109 -14.32 26.38 24.89
N HIS C 110 -14.37 25.23 24.22
CA HIS C 110 -14.99 25.15 22.90
C HIS C 110 -16.03 24.05 22.92
N PRO C 111 -17.20 24.37 23.50
CA PRO C 111 -18.30 23.41 23.59
C PRO C 111 -18.81 22.87 22.24
N ASP C 112 -18.61 23.63 21.18
CA ASP C 112 -19.08 23.20 19.86
C ASP C 112 -18.07 22.40 19.04
N LEU C 113 -16.99 21.96 19.66
CA LEU C 113 -15.97 21.22 18.92
C LEU C 113 -16.45 19.87 18.36
N ALA C 114 -15.74 19.39 17.34
CA ALA C 114 -16.02 18.10 16.73
C ALA C 114 -14.75 17.24 16.86
N VAL C 115 -14.94 15.93 16.94
CA VAL C 115 -13.82 15.03 17.10
C VAL C 115 -13.55 14.09 15.94
N ILE C 116 -12.30 14.04 15.50
CA ILE C 116 -11.89 13.11 14.45
C ILE C 116 -10.99 12.12 15.20
N TRP C 117 -11.46 10.88 15.29
CA TRP C 117 -10.76 9.83 16.02
C TRP C 117 -10.09 8.84 15.04
N VAL C 118 -8.75 8.87 14.97
CA VAL C 118 -8.04 7.95 14.09
C VAL C 118 -7.48 6.84 14.94
N ASP C 119 -8.03 5.65 14.71
CA ASP C 119 -7.71 4.51 15.54
C ASP C 119 -8.17 3.23 14.83
N ALA C 120 -7.55 2.11 15.21
CA ALA C 120 -7.95 0.82 14.68
C ALA C 120 -9.15 0.35 15.50
N HIS C 121 -9.32 1.01 16.66
CA HIS C 121 -10.38 0.70 17.62
C HIS C 121 -11.36 1.86 17.86
N THR C 122 -12.58 1.53 18.29
CA THR C 122 -13.56 2.57 18.58
C THR C 122 -13.34 3.10 20.00
N ASP C 123 -12.72 2.29 20.86
CA ASP C 123 -12.47 2.67 22.26
C ASP C 123 -13.75 3.17 22.93
N ILE C 124 -14.88 2.54 22.63
CA ILE C 124 -16.15 2.97 23.18
C ILE C 124 -16.84 1.92 24.06
N ASN C 125 -16.05 1.02 24.65
CA ASN C 125 -16.58 0.00 25.55
C ASN C 125 -17.01 0.74 26.80
N THR C 126 -18.13 0.31 27.37
CA THR C 126 -18.60 0.93 28.59
C THR C 126 -18.07 0.02 29.69
N PRO C 127 -18.16 0.46 30.95
CA PRO C 127 -17.67 -0.37 32.05
C PRO C 127 -18.40 -1.72 32.11
N LEU C 128 -19.58 -1.78 31.52
CA LEU C 128 -20.36 -3.01 31.52
C LEU C 128 -20.02 -3.94 30.33
N THR C 129 -19.58 -3.37 29.20
CA THR C 129 -19.27 -4.21 28.05
C THR C 129 -17.82 -4.66 27.88
N THR C 130 -16.88 -4.06 28.61
CA THR C 130 -15.49 -4.47 28.49
C THR C 130 -15.22 -5.92 28.88
N SER C 131 -14.34 -6.58 28.12
CA SER C 131 -13.97 -7.97 28.38
C SER C 131 -12.80 -7.92 29.35
N SER C 132 -12.11 -6.78 29.34
CA SER C 132 -10.98 -6.50 30.20
C SER C 132 -11.37 -5.21 30.89
N GLY C 133 -10.86 -4.96 32.08
CA GLY C 133 -11.27 -3.72 32.72
C GLY C 133 -10.47 -2.51 32.24
N ASN C 134 -9.71 -2.69 31.16
CA ASN C 134 -8.86 -1.62 30.64
C ASN C 134 -9.56 -0.35 30.13
N LEU C 135 -9.25 0.77 30.78
CA LEU C 135 -9.85 2.06 30.44
C LEU C 135 -9.41 2.73 29.15
N ALA C 136 -8.28 2.30 28.59
CA ALA C 136 -7.81 2.88 27.33
C ALA C 136 -8.77 2.49 26.21
N GLY C 137 -9.59 1.46 26.45
CA GLY C 137 -10.55 1.02 25.46
C GLY C 137 -11.95 1.54 25.76
N GLN C 138 -12.05 2.52 26.65
CA GLN C 138 -13.35 3.10 27.03
C GLN C 138 -13.50 4.64 27.01
N PRO C 139 -12.44 5.38 26.63
CA PRO C 139 -12.55 6.85 26.60
C PRO C 139 -13.84 7.49 26.09
N VAL C 140 -14.23 7.13 24.88
CA VAL C 140 -15.41 7.67 24.25
C VAL C 140 -16.71 7.40 25.00
N ALA C 141 -16.78 6.30 25.73
CA ALA C 141 -17.99 5.98 26.48
C ALA C 141 -18.24 7.07 27.52
N PHE C 142 -17.18 7.55 28.14
CA PHE C 142 -17.28 8.59 29.15
C PHE C 142 -17.57 9.98 28.61
N LEU C 143 -17.31 10.18 27.31
CA LEU C 143 -17.52 11.48 26.67
C LEU C 143 -18.84 11.68 25.94
N LEU C 144 -19.51 10.60 25.58
CA LEU C 144 -20.78 10.70 24.86
C LEU C 144 -21.99 11.03 25.72
N LYS C 145 -22.74 12.03 25.27
CA LYS C 145 -23.96 12.44 25.96
C LYS C 145 -24.97 11.29 25.93
N GLU C 146 -25.10 10.64 24.77
CA GLU C 146 -26.04 9.54 24.58
C GLU C 146 -25.75 8.28 25.39
N LEU C 147 -24.61 8.26 26.07
CA LEU C 147 -24.23 7.10 26.87
C LEU C 147 -24.30 7.40 28.37
N LYS C 148 -24.83 8.56 28.70
CA LYS C 148 -24.97 8.99 30.08
C LYS C 148 -26.02 8.13 30.81
N GLY C 149 -25.63 7.59 31.95
CA GLY C 149 -26.55 6.78 32.73
C GLY C 149 -26.79 5.37 32.19
N LYS C 150 -26.05 4.99 31.16
CA LYS C 150 -26.19 3.66 30.57
C LYS C 150 -25.19 2.71 31.24
N PHE C 151 -24.39 3.27 32.15
CA PHE C 151 -23.43 2.47 32.90
C PHE C 151 -23.22 3.12 34.28
N PRO C 152 -22.98 2.29 35.30
CA PRO C 152 -22.77 2.78 36.67
C PRO C 152 -21.66 3.82 36.79
N ASP C 153 -21.84 4.76 37.72
CA ASP C 153 -20.83 5.78 37.92
C ASP C 153 -19.57 5.10 38.44
N VAL C 154 -18.42 5.50 37.88
CA VAL C 154 -17.14 4.92 38.26
C VAL C 154 -16.35 5.79 39.21
N PRO C 155 -15.71 5.16 40.21
CA PRO C 155 -14.91 5.90 41.19
C PRO C 155 -13.81 6.74 40.51
N GLY C 156 -13.83 8.05 40.72
CA GLY C 156 -12.84 8.92 40.14
C GLY C 156 -13.28 9.69 38.89
N PHE C 157 -14.47 9.39 38.39
CA PHE C 157 -14.95 10.07 37.18
C PHE C 157 -16.20 10.94 37.35
N SER C 158 -16.55 11.27 38.59
CA SER C 158 -17.73 12.10 38.82
C SER C 158 -17.60 13.53 38.28
N TRP C 159 -16.38 13.98 38.09
CA TRP C 159 -16.11 15.32 37.57
C TRP C 159 -16.35 15.43 36.06
N VAL C 160 -16.40 14.28 35.41
CA VAL C 160 -16.61 14.24 33.97
C VAL C 160 -18.03 14.59 33.58
N THR C 161 -18.13 15.41 32.54
CA THR C 161 -19.42 15.80 32.04
C THR C 161 -19.43 15.49 30.55
N PRO C 162 -20.32 14.58 30.11
CA PRO C 162 -20.41 14.22 28.70
C PRO C 162 -20.49 15.51 27.89
N ALA C 163 -19.45 15.77 27.11
CA ALA C 163 -19.38 17.00 26.32
C ALA C 163 -19.81 16.91 24.86
N ILE C 164 -19.58 15.78 24.21
CA ILE C 164 -19.99 15.68 22.81
C ILE C 164 -21.04 14.61 22.55
N SER C 165 -21.83 14.82 21.49
CA SER C 165 -22.87 13.88 21.12
C SER C 165 -22.39 13.01 19.96
N ALA C 166 -23.18 11.97 19.65
CA ALA C 166 -22.86 11.05 18.58
C ALA C 166 -22.69 11.75 17.24
N LYS C 167 -23.31 12.91 17.08
CA LYS C 167 -23.22 13.66 15.83
C LYS C 167 -21.90 14.41 15.64
N ASP C 168 -21.12 14.52 16.71
CA ASP C 168 -19.88 15.28 16.63
C ASP C 168 -18.60 14.47 16.53
N ILE C 169 -18.72 13.18 16.31
CA ILE C 169 -17.51 12.38 16.21
C ILE C 169 -17.48 11.54 14.94
N VAL C 170 -16.28 11.41 14.38
CA VAL C 170 -16.07 10.61 13.19
C VAL C 170 -14.84 9.74 13.38
N TYR C 171 -15.02 8.44 13.22
CA TYR C 171 -13.93 7.50 13.34
C TYR C 171 -13.29 7.25 11.97
N ILE C 172 -11.99 7.01 11.96
CA ILE C 172 -11.29 6.69 10.72
C ILE C 172 -10.20 5.62 11.00
N GLY C 173 -10.28 4.50 10.27
CA GLY C 173 -9.30 3.44 10.42
C GLY C 173 -9.74 2.19 11.16
N LEU C 174 -11.01 2.14 11.57
CA LEU C 174 -11.54 0.99 12.30
C LEU C 174 -11.32 -0.36 11.65
N ARG C 175 -10.89 -1.33 12.44
CA ARG C 175 -10.66 -2.67 11.93
C ARG C 175 -10.65 -3.72 13.05
N ASP C 176 -10.85 -3.28 14.29
CA ASP C 176 -10.87 -4.19 15.44
C ASP C 176 -11.90 -3.69 16.46
N VAL C 177 -13.17 -4.01 16.19
CA VAL C 177 -14.29 -3.57 17.04
C VAL C 177 -14.99 -4.73 17.73
N ASP C 178 -15.14 -4.67 19.05
CA ASP C 178 -15.82 -5.73 19.80
C ASP C 178 -17.29 -5.73 19.45
N PRO C 179 -17.99 -6.85 19.67
CA PRO C 179 -19.42 -6.95 19.36
C PRO C 179 -20.21 -5.84 20.06
N GLY C 180 -19.93 -5.62 21.34
CA GLY C 180 -20.63 -4.58 22.10
C GLY C 180 -20.44 -3.19 21.52
N GLU C 181 -19.20 -2.85 21.18
CA GLU C 181 -18.87 -1.54 20.62
C GLU C 181 -19.58 -1.35 19.30
N HIS C 182 -19.57 -2.40 18.49
CA HIS C 182 -20.22 -2.35 17.18
C HIS C 182 -21.69 -2.07 17.40
N TYR C 183 -22.29 -2.76 18.37
CA TYR C 183 -23.71 -2.55 18.69
C TYR C 183 -23.97 -1.08 18.99
N ILE C 184 -23.11 -0.50 19.82
CA ILE C 184 -23.20 0.91 20.22
C ILE C 184 -23.12 1.90 19.06
N ILE C 185 -22.08 1.79 18.24
CA ILE C 185 -21.95 2.72 17.12
C ILE C 185 -23.08 2.59 16.11
N LYS C 186 -23.61 1.39 15.92
CA LYS C 186 -24.72 1.21 14.97
C LYS C 186 -25.99 1.81 15.57
N THR C 187 -26.25 1.50 16.83
CA THR C 187 -27.44 2.00 17.51
C THR C 187 -27.45 3.52 17.64
N LEU C 188 -26.32 4.12 17.95
CA LEU C 188 -26.23 5.57 18.09
C LEU C 188 -26.07 6.34 16.79
N GLY C 189 -25.84 5.62 15.70
CA GLY C 189 -25.70 6.26 14.40
C GLY C 189 -24.45 7.10 14.22
N ILE C 190 -23.36 6.64 14.82
CA ILE C 190 -22.09 7.33 14.73
C ILE C 190 -21.44 7.15 13.36
N LYS C 191 -20.99 8.26 12.78
CA LYS C 191 -20.34 8.22 11.47
C LYS C 191 -18.93 7.60 11.59
N TYR C 192 -18.62 6.67 10.71
CA TYR C 192 -17.30 6.05 10.73
C TYR C 192 -16.85 5.60 9.35
N PHE C 193 -15.53 5.46 9.21
CA PHE C 193 -14.92 4.99 7.98
C PHE C 193 -13.97 3.88 8.43
N SER C 194 -14.42 2.63 8.35
CA SER C 194 -13.58 1.50 8.74
C SER C 194 -12.62 1.33 7.56
N MET C 195 -11.66 0.43 7.70
CA MET C 195 -10.73 0.25 6.61
C MET C 195 -11.50 -0.12 5.34
N THR C 196 -12.67 -0.76 5.46
CA THR C 196 -13.36 -1.11 4.23
C THR C 196 -13.87 0.13 3.49
N GLU C 197 -14.27 1.19 4.21
CA GLU C 197 -14.71 2.41 3.51
C GLU C 197 -13.51 3.15 2.93
N VAL C 198 -12.36 3.02 3.58
CA VAL C 198 -11.14 3.66 3.11
C VAL C 198 -10.72 2.96 1.82
N ASP C 199 -10.84 1.63 1.82
CA ASP C 199 -10.51 0.83 0.63
C ASP C 199 -11.44 1.18 -0.53
N LYS C 200 -12.73 1.24 -0.24
CA LYS C 200 -13.75 1.55 -1.25
C LYS C 200 -13.65 2.95 -1.83
N LEU C 201 -13.53 3.95 -0.95
CA LEU C 201 -13.50 5.35 -1.35
C LEU C 201 -12.15 6.01 -1.63
N GLY C 202 -11.11 5.54 -0.96
CA GLY C 202 -9.81 6.15 -1.12
C GLY C 202 -9.76 7.25 -0.06
N ILE C 203 -8.60 7.43 0.56
CA ILE C 203 -8.47 8.42 1.62
C ILE C 203 -8.89 9.85 1.22
N GLY C 204 -8.74 10.20 -0.07
CA GLY C 204 -9.12 11.53 -0.50
C GLY C 204 -10.61 11.84 -0.30
N LYS C 205 -11.45 10.92 -0.73
CA LYS C 205 -12.90 11.08 -0.62
C LYS C 205 -13.34 10.89 0.85
N VAL C 206 -12.62 10.05 1.59
CA VAL C 206 -12.95 9.84 3.00
C VAL C 206 -12.85 11.20 3.76
N MET C 207 -11.79 11.95 3.49
CA MET C 207 -11.61 13.25 4.16
C MET C 207 -12.64 14.27 3.72
N GLU C 208 -13.02 14.19 2.45
CA GLU C 208 -14.01 15.08 1.88
C GLU C 208 -15.32 14.91 2.64
N GLU C 209 -15.69 13.66 2.81
CA GLU C 209 -16.94 13.35 3.49
C GLU C 209 -16.94 13.58 4.98
N THR C 210 -15.81 13.38 5.65
CA THR C 210 -15.84 13.63 7.09
C THR C 210 -15.95 15.13 7.30
N PHE C 211 -15.37 15.93 6.42
CA PHE C 211 -15.49 17.38 6.56
C PHE C 211 -16.91 17.88 6.24
N SER C 212 -17.51 17.37 5.17
CA SER C 212 -18.86 17.83 4.85
C SER C 212 -19.86 17.37 5.92
N TYR C 213 -19.54 16.28 6.61
CA TYR C 213 -20.39 15.75 7.68
C TYR C 213 -20.23 16.57 8.99
N LEU C 214 -19.00 16.89 9.36
CA LEU C 214 -18.77 17.64 10.60
C LEU C 214 -18.79 19.16 10.47
N LEU C 215 -18.42 19.68 9.31
CA LEU C 215 -18.37 21.14 9.11
C LEU C 215 -19.35 21.68 8.07
N GLY C 216 -20.17 20.81 7.50
CA GLY C 216 -21.15 21.23 6.49
C GLY C 216 -22.04 22.38 6.90
N ARG C 217 -22.60 22.31 8.11
CA ARG C 217 -23.48 23.37 8.62
C ARG C 217 -22.74 24.50 9.30
N LYS C 218 -21.94 24.17 10.31
CA LYS C 218 -21.19 25.18 11.05
C LYS C 218 -19.69 24.84 11.05
N LYS C 219 -18.86 25.87 10.95
CA LYS C 219 -17.42 25.67 11.03
C LYS C 219 -17.18 25.71 12.54
N ARG C 220 -16.49 24.71 13.06
CA ARG C 220 -16.21 24.65 14.49
C ARG C 220 -14.81 24.10 14.74
N PRO C 221 -14.31 24.28 15.97
CA PRO C 221 -12.97 23.78 16.31
C PRO C 221 -12.89 22.26 16.14
N ILE C 222 -11.74 21.78 15.67
CA ILE C 222 -11.55 20.35 15.49
C ILE C 222 -10.59 19.80 16.52
N HIS C 223 -10.94 18.64 17.08
CA HIS C 223 -10.05 17.99 18.03
C HIS C 223 -9.67 16.69 17.32
N LEU C 224 -8.38 16.50 17.08
CA LEU C 224 -7.91 15.29 16.42
C LEU C 224 -7.22 14.42 17.48
N SER C 225 -7.81 13.25 17.75
CA SER C 225 -7.25 12.34 18.73
C SER C 225 -6.69 11.22 17.85
N PHE C 226 -5.37 11.15 17.80
CA PHE C 226 -4.68 10.19 16.97
C PHE C 226 -3.99 9.04 17.69
N ASP C 227 -4.59 7.84 17.59
CA ASP C 227 -3.99 6.64 18.18
C ASP C 227 -3.07 6.11 17.10
N VAL C 228 -1.80 5.99 17.44
CA VAL C 228 -0.80 5.55 16.51
C VAL C 228 -1.10 4.14 15.91
N ASP C 229 -1.87 3.28 16.60
CA ASP C 229 -2.17 1.97 16.03
C ASP C 229 -3.22 2.07 14.91
N GLY C 230 -3.60 3.31 14.57
CA GLY C 230 -4.54 3.51 13.49
C GLY C 230 -3.78 3.16 12.21
N LEU C 231 -2.48 3.40 12.22
CA LEU C 231 -1.66 3.06 11.08
C LEU C 231 -1.23 1.61 11.19
N ASP C 232 -0.93 1.00 10.05
CA ASP C 232 -0.48 -0.37 10.00
C ASP C 232 0.79 -0.59 10.82
N PRO C 233 0.89 -1.76 11.50
CA PRO C 233 2.03 -2.16 12.33
C PRO C 233 3.38 -2.06 11.65
N VAL C 234 3.38 -2.01 10.31
CA VAL C 234 4.59 -1.89 9.53
C VAL C 234 5.19 -0.50 9.69
N PHE C 235 4.34 0.47 10.02
CA PHE C 235 4.78 1.85 10.19
C PHE C 235 4.86 2.25 11.66
N THR C 236 3.95 1.73 12.45
CA THR C 236 3.94 2.04 13.88
C THR C 236 3.87 0.77 14.73
N PRO C 237 4.92 -0.08 14.64
CA PRO C 237 4.96 -1.33 15.41
C PRO C 237 5.00 -1.21 16.93
N ALA C 238 5.61 -0.14 17.43
CA ALA C 238 5.72 0.03 18.87
C ALA C 238 4.45 0.60 19.54
N THR C 239 3.41 -0.22 19.60
CA THR C 239 2.13 0.13 20.24
C THR C 239 1.62 -1.10 20.94
N GLY C 240 0.69 -0.91 21.87
CA GLY C 240 0.14 -2.00 22.63
C GLY C 240 -0.81 -2.93 21.94
N THR C 241 -1.59 -2.41 21.00
CA THR C 241 -2.56 -3.23 20.30
C THR C 241 -2.52 -3.07 18.79
N PRO C 242 -1.46 -3.58 18.14
CA PRO C 242 -1.32 -3.48 16.69
C PRO C 242 -2.29 -4.41 15.97
N VAL C 243 -2.88 -3.94 14.88
CA VAL C 243 -3.83 -4.74 14.09
C VAL C 243 -3.42 -4.63 12.63
N VAL C 244 -3.18 -5.76 11.97
CA VAL C 244 -2.77 -5.70 10.57
C VAL C 244 -3.83 -5.10 9.65
N GLY C 245 -3.39 -4.63 8.49
CA GLY C 245 -4.32 -4.04 7.53
C GLY C 245 -4.75 -2.61 7.82
N GLY C 246 -3.84 -1.79 8.34
CA GLY C 246 -4.20 -0.43 8.68
C GLY C 246 -3.87 0.64 7.66
N LEU C 247 -4.01 1.89 8.10
CA LEU C 247 -3.71 3.03 7.26
C LEU C 247 -2.23 3.03 6.95
N SER C 248 -1.88 3.55 5.80
CA SER C 248 -0.49 3.60 5.40
C SER C 248 0.12 4.89 5.90
N TYR C 249 1.44 4.97 5.84
CA TYR C 249 2.15 6.19 6.26
C TYR C 249 1.59 7.34 5.44
N ARG C 250 1.48 7.13 4.13
CA ARG C 250 0.94 8.11 3.20
C ARG C 250 -0.48 8.57 3.61
N GLU C 251 -1.39 7.64 3.85
CA GLU C 251 -2.76 8.00 4.22
C GLU C 251 -2.80 8.78 5.55
N GLY C 252 -1.92 8.41 6.47
CA GLY C 252 -1.86 9.08 7.75
C GLY C 252 -1.47 10.53 7.54
N LEU C 253 -0.45 10.75 6.72
CA LEU C 253 0.00 12.11 6.42
C LEU C 253 -1.05 12.86 5.64
N TYR C 254 -1.80 12.16 4.78
CA TYR C 254 -2.83 12.83 4.01
C TYR C 254 -3.91 13.38 4.96
N ILE C 255 -4.24 12.60 5.99
CA ILE C 255 -5.25 12.99 6.96
C ILE C 255 -4.82 14.28 7.67
N THR C 256 -3.58 14.30 8.17
CA THR C 256 -3.09 15.45 8.89
C THR C 256 -2.93 16.68 8.01
N GLU C 257 -2.50 16.49 6.77
CA GLU C 257 -2.35 17.61 5.84
C GLU C 257 -3.70 18.29 5.54
N GLU C 258 -4.75 17.48 5.40
CA GLU C 258 -6.09 18.01 5.10
C GLU C 258 -6.64 18.74 6.32
N ILE C 259 -6.37 18.20 7.50
CA ILE C 259 -6.83 18.82 8.72
C ILE C 259 -6.11 20.15 8.89
N TYR C 260 -4.83 20.20 8.54
CA TYR C 260 -4.10 21.44 8.67
C TYR C 260 -4.76 22.49 7.77
N LYS C 261 -5.10 22.08 6.56
CA LYS C 261 -5.70 22.97 5.58
C LYS C 261 -7.05 23.58 5.97
N THR C 262 -7.79 22.95 6.87
CA THR C 262 -9.08 23.49 7.30
C THR C 262 -8.89 24.78 8.09
N GLY C 263 -7.73 24.90 8.74
CA GLY C 263 -7.43 26.07 9.54
C GLY C 263 -8.16 26.02 10.87
N LEU C 264 -8.83 24.90 11.14
CA LEU C 264 -9.63 24.69 12.35
C LEU C 264 -9.07 23.77 13.43
N LEU C 265 -7.88 23.22 13.25
CA LEU C 265 -7.31 22.34 14.28
C LEU C 265 -7.22 23.13 15.59
N SER C 266 -7.77 22.56 16.65
CA SER C 266 -7.76 23.24 17.95
C SER C 266 -7.10 22.40 19.06
N GLY C 267 -7.23 21.08 18.94
CA GLY C 267 -6.65 20.18 19.92
C GLY C 267 -6.13 18.93 19.21
N LEU C 268 -5.03 18.38 19.72
CA LEU C 268 -4.42 17.20 19.10
C LEU C 268 -3.91 16.26 20.17
N ASP C 269 -4.12 14.96 19.95
CA ASP C 269 -3.59 13.94 20.87
C ASP C 269 -2.74 13.00 19.98
N ILE C 270 -1.55 12.64 20.46
CA ILE C 270 -0.67 11.69 19.77
C ILE C 270 -0.50 10.61 20.83
N MET C 271 -1.35 9.58 20.74
CA MET C 271 -1.38 8.53 21.73
C MET C 271 -0.89 7.14 21.38
N GLU C 272 -0.66 6.37 22.43
CA GLU C 272 -0.24 4.98 22.36
C GLU C 272 1.16 4.64 21.80
N VAL C 273 2.07 5.60 21.81
CA VAL C 273 3.44 5.28 21.37
C VAL C 273 4.11 4.62 22.61
N ASN C 274 4.45 3.33 22.49
CA ASN C 274 5.08 2.61 23.58
C ASN C 274 6.47 2.14 23.15
N PRO C 275 7.52 2.88 23.54
CA PRO C 275 8.93 2.60 23.22
C PRO C 275 9.45 1.22 23.66
N THR C 276 8.86 0.64 24.68
CA THR C 276 9.32 -0.65 25.17
C THR C 276 8.77 -1.85 24.40
N LEU C 277 7.88 -1.60 23.46
CA LEU C 277 7.31 -2.71 22.71
C LEU C 277 7.93 -2.90 21.33
N GLY C 278 9.02 -2.21 21.07
CA GLY C 278 9.67 -2.41 19.79
C GLY C 278 10.58 -3.63 19.88
N LYS C 279 10.47 -4.56 18.91
CA LYS C 279 11.29 -5.76 18.91
C LYS C 279 12.74 -5.44 18.61
N THR C 280 12.95 -4.32 17.93
CA THR C 280 14.31 -3.90 17.60
C THR C 280 14.33 -2.40 17.75
N PRO C 281 15.51 -1.82 18.04
CA PRO C 281 15.57 -0.36 18.18
C PRO C 281 14.99 0.37 16.97
N GLU C 282 15.20 -0.21 15.78
CA GLU C 282 14.69 0.38 14.56
C GLU C 282 13.16 0.44 14.59
N GLU C 283 12.52 -0.54 15.20
CA GLU C 283 11.06 -0.52 15.25
C GLU C 283 10.54 0.65 16.08
N VAL C 284 11.27 1.00 17.14
CA VAL C 284 10.90 2.09 17.99
C VAL C 284 11.14 3.39 17.22
N THR C 285 12.30 3.46 16.58
CA THR C 285 12.68 4.62 15.78
C THR C 285 11.62 4.87 14.71
N ARG C 286 11.19 3.81 14.06
CA ARG C 286 10.20 3.90 13.01
C ARG C 286 8.90 4.48 13.55
N THR C 287 8.47 3.97 14.70
CA THR C 287 7.23 4.43 15.33
C THR C 287 7.30 5.88 15.75
N VAL C 288 8.35 6.27 16.48
CA VAL C 288 8.53 7.65 16.93
C VAL C 288 8.62 8.62 15.75
N ASN C 289 9.40 8.27 14.73
CA ASN C 289 9.55 9.13 13.55
C ASN C 289 8.22 9.41 12.85
N THR C 290 7.36 8.41 12.71
CA THR C 290 6.13 8.70 12.00
C THR C 290 5.19 9.50 12.91
N ALA C 291 5.28 9.31 14.23
CA ALA C 291 4.43 10.09 15.13
C ALA C 291 4.85 11.57 15.05
N VAL C 292 6.14 11.83 14.99
CA VAL C 292 6.66 13.19 14.87
C VAL C 292 6.17 13.78 13.53
N ALA C 293 6.38 13.04 12.44
CA ALA C 293 5.97 13.48 11.10
C ALA C 293 4.47 13.86 11.07
N LEU C 294 3.63 13.07 11.72
CA LEU C 294 2.19 13.35 11.75
C LEU C 294 1.89 14.65 12.50
N THR C 295 2.64 14.89 13.58
CA THR C 295 2.44 16.10 14.36
C THR C 295 2.87 17.31 13.54
N LEU C 296 4.05 17.25 12.92
CA LEU C 296 4.52 18.38 12.11
C LEU C 296 3.56 18.67 10.97
N SER C 297 3.02 17.60 10.37
CA SER C 297 2.06 17.71 9.28
C SER C 297 0.78 18.45 9.73
N ALA C 298 0.32 18.17 10.95
CA ALA C 298 -0.87 18.85 11.46
C ALA C 298 -0.61 20.36 11.55
N PHE C 299 0.65 20.75 11.70
CA PHE C 299 0.99 22.16 11.81
C PHE C 299 1.65 22.79 10.60
N GLY C 300 1.28 22.34 9.41
CA GLY C 300 1.81 22.92 8.20
C GLY C 300 2.86 22.26 7.33
N THR C 301 3.64 21.32 7.85
CA THR C 301 4.64 20.68 7.00
C THR C 301 3.94 19.90 5.90
N LYS C 302 4.26 20.24 4.66
CA LYS C 302 3.67 19.63 3.48
C LYS C 302 4.70 18.79 2.74
N ARG C 303 4.23 17.72 2.09
CA ARG C 303 5.13 16.86 1.34
C ARG C 303 5.63 17.53 0.05
N GLU C 304 4.85 18.47 -0.49
CA GLU C 304 5.26 19.19 -1.69
C GLU C 304 6.36 20.21 -1.35
N GLY C 305 6.56 20.42 -0.05
CA GLY C 305 7.57 21.36 0.42
C GLY C 305 6.99 22.61 1.07
N ASN C 306 7.87 23.41 1.69
CA ASN C 306 7.47 24.66 2.34
C ASN C 306 8.56 25.70 2.14
N HIS C 307 8.17 26.96 2.02
CA HIS C 307 9.16 28.03 1.90
C HIS C 307 8.62 29.17 2.74
N LYS C 308 9.52 29.91 3.38
CA LYS C 308 9.12 31.03 4.22
C LYS C 308 8.64 32.22 3.37
N PRO C 309 7.51 32.83 3.74
CA PRO C 309 6.96 33.98 3.01
C PRO C 309 7.86 35.21 3.06
N GLU C 310 7.80 36.00 1.99
CA GLU C 310 8.59 37.23 1.87
C GLU C 310 10.08 37.01 1.66
N THR C 311 10.51 35.76 1.57
CA THR C 311 11.93 35.48 1.35
C THR C 311 12.15 35.15 -0.12
N ASP C 312 12.84 36.03 -0.84
CA ASP C 312 13.12 35.79 -2.25
C ASP C 312 14.38 34.93 -2.29
N TYR C 313 14.19 33.64 -2.56
CA TYR C 313 15.31 32.71 -2.60
C TYR C 313 16.20 32.85 -3.85
N LEU C 314 15.86 33.80 -4.73
CA LEU C 314 16.64 34.04 -5.94
C LEU C 314 17.30 35.43 -5.87
#